data_8Y06
#
_entry.id   8Y06
#
_cell.length_a   155.863
_cell.length_b   155.863
_cell.length_c   212.090
_cell.angle_alpha   90.000
_cell.angle_beta   90.000
_cell.angle_gamma   120.000
#
_symmetry.space_group_name_H-M   'P 31 2 1'
#
loop_
_entity.id
_entity.type
_entity.pdbx_description
1 polymer LbCas12a
2 polymer 'RNA (34-MER)'
3 polymer "DNA (5'-D(P*TP*TP*AP*CP*TP*GP*GP*AP*TP*GP*CP*GP*TP*AP*AP*AP*GP*GP*AP*CP*G)-3')"
4 polymer "DNA (5'-D(*CP*GP*TP*CP*CP*TP*TP*TP*AP*TP*T)-3')"
5 non-polymer 'MAGNESIUM ION'
#
loop_
_entity_poly.entity_id
_entity_poly.type
_entity_poly.pdbx_seq_one_letter_code
_entity_poly.pdbx_strand_id
1 'polypeptide(L)'
;MSKLEKFTNCYSLSKTLRFKAIPVGKTQENIDNKRLLVEDEKRAEDYKGVKKLLDRYYLSFINDVLHSIKLKNLNNYISL
FRKKTRTEKENKELENLEINLRKEIAKAFKGNEGYKSLFKKDIIETILPEFLDDKDEIALVNSFNGFTTAFTGFFDNREN
MFSEEAKSTSIAFRCINENLTRYISNMDIFEKVDAIFDKHEVQEIKEKILNSDYDVEDFFEGEFFNFVLTQEGIDVYNAI
IGGFVTESGEKIKGLNEYINLYNQKTKQKLPKFKPLYKQVLSDRESLSFYGEGYTSDEEVLEVFRNTLNKNSEIFSSIKK
LEKLFKNFDEYSSAGIFVKNGPAISTISKDIFGEWNVIRDKWNAEYDDIHLKKKAVVTEKYEDDRRKSFKKIGSFSLEQL
QEYADADLSVVEKLKEIIIQKVDEIYKVYGSSEKLFDADFVLEKSLKKNDAVVAIMKDLLDSVKSFENYIKAFFGEGKET
NRDESFYGDFVLAYDILLKVDHIYDAIRNYVTQKPYSKDKFKLYFQNPQFMGGWDKDKETDYRATILRYGSKYYLAIMDK
KYAKCLQKIDKDDVNGNYEKINYKLLPGPNKMLPKVFFSKKWMAYYNPSEDIQKIYKNGTFKKGDMFNLNDCHKLIDFFK
DSISRYPKWSNAYDFNFSETEKYKDIAGFYREVEEQGYKVSFESASKKEVDKLVEEGKLYMFQIYNKDFSDKSHGTPNLH
TMYFKLLFDENNHGQIRLSGGAELFMRRASLKKEELVVHPANSPIANKNPDNPKKTTTLSYDVYKDKRFSEDQYELHIPI
AINKCPKNIFKINTEVRVLLKHDDNPYVIGIDRGERNLLYIVVVDGKGNIVEQYSLNEIINNFNGIRIKTDYHSLLDKKE
KERFEARQNWTSIENIKELKAGYISQVVHKICELVEKYDAVIALEDLNSGFKNSRVKVEKQVYQKFEKMLIDKLNYMVDK
KSNPCATGGALKGYQITNKFESFKSMSTQNGFIFYIPAWLTSKIDPSTGFVNLLKTKYTSIADSKKFISSFDRIMYVPEE
DLFEFALDYKNFSRTDADYIKKWKLYSYGNRIRIFRNPKKNNVFDWEEVCLTSAYKELFNKYGINYQQGDIRALLCEQSD
KAFYSSFMALMSLMLQMRNSITGRTDVDFLISPVKNSDGIFYDSRNYEAQENAILPKNADANGAYNIARKVLWAIGQFKK
AEDEKLDKVKIAISNKEWLEYAQTSVKH
;
A
2 'polyribonucleotide' AAUUUCUACUAAGUGUAGAUCGCAUCCAGUAAAGCGGCAC B
3 'polydeoxyribonucleotide'
;(DT)(DT)(DA)(DC)(DT)(DG)(DG)(DA)(DT)(DG)(DC)(DG)(DT)(DA)(DA)(DA)(DG)(DG)(DA)(DC)
(DG)
;
C
4 'polydeoxyribonucleotide' (DC)(DG)(DT)(DC)(DC)(DT)(DT)(DT)(DA)(DT)(DT) D
#
loop_
_chem_comp.id
_chem_comp.type
_chem_comp.name
_chem_comp.formula
A RNA linking ADENOSINE-5'-MONOPHOSPHATE 'C10 H14 N5 O7 P'
C RNA linking CYTIDINE-5'-MONOPHOSPHATE 'C9 H14 N3 O8 P'
DA DNA linking 2'-DEOXYADENOSINE-5'-MONOPHOSPHATE 'C10 H14 N5 O6 P'
DC DNA linking 2'-DEOXYCYTIDINE-5'-MONOPHOSPHATE 'C9 H14 N3 O7 P'
DG DNA linking 2'-DEOXYGUANOSINE-5'-MONOPHOSPHATE 'C10 H14 N5 O7 P'
DT DNA linking THYMIDINE-5'-MONOPHOSPHATE 'C10 H15 N2 O8 P'
G RNA linking GUANOSINE-5'-MONOPHOSPHATE 'C10 H14 N5 O8 P'
MG non-polymer 'MAGNESIUM ION' 'Mg 2'
U RNA linking URIDINE-5'-MONOPHOSPHATE 'C9 H13 N2 O9 P'
#
# COMPACT_ATOMS: atom_id res chain seq x y z
N MET A 1 13.77 -2.64 34.29
CA MET A 1 12.42 -2.87 33.76
C MET A 1 12.10 -1.83 32.71
N SER A 2 12.27 -2.20 31.45
CA SER A 2 11.94 -1.34 30.33
C SER A 2 11.33 -2.20 29.24
N LYS A 3 10.11 -1.85 28.83
CA LYS A 3 9.43 -2.65 27.81
C LYS A 3 10.18 -2.59 26.48
N LEU A 4 10.84 -1.46 26.19
CA LEU A 4 11.54 -1.32 24.91
C LEU A 4 12.74 -2.25 24.83
N GLU A 5 13.56 -2.30 25.87
CA GLU A 5 14.83 -3.01 25.75
C GLU A 5 14.69 -4.53 25.83
N LYS A 6 13.47 -5.05 25.91
CA LYS A 6 13.25 -6.49 25.82
C LYS A 6 13.03 -6.97 24.40
N PHE A 7 13.12 -6.09 23.41
CA PHE A 7 12.85 -6.41 22.01
C PHE A 7 14.09 -6.10 21.18
N THR A 8 15.15 -6.88 21.39
CA THR A 8 16.35 -6.81 20.58
C THR A 8 16.75 -8.23 20.18
N ASN A 9 17.35 -8.34 18.99
CA ASN A 9 17.88 -9.61 18.49
C ASN A 9 16.77 -10.65 18.32
N CYS A 10 15.65 -10.21 17.75
CA CYS A 10 14.45 -11.05 17.66
C CYS A 10 14.30 -11.74 16.32
N TYR A 11 14.49 -11.05 15.20
CA TYR A 11 14.44 -11.74 13.92
C TYR A 11 15.36 -11.05 12.92
N SER A 12 15.85 -11.82 11.96
CA SER A 12 16.72 -11.29 10.92
C SER A 12 15.92 -10.56 9.85
N LEU A 13 16.55 -9.56 9.25
CA LEU A 13 16.00 -8.94 8.05
C LEU A 13 17.15 -8.51 7.16
N SER A 14 16.84 -8.38 5.86
CA SER A 14 17.80 -7.92 4.88
C SER A 14 17.54 -6.45 4.55
N LYS A 15 18.63 -5.74 4.29
CA LYS A 15 18.56 -4.36 3.84
C LYS A 15 19.65 -4.13 2.81
N THR A 16 19.47 -3.09 2.00
CA THR A 16 20.43 -2.71 0.97
C THR A 16 20.92 -1.29 1.23
N LEU A 17 22.23 -1.11 1.14
CA LEU A 17 22.86 0.20 1.21
C LEU A 17 23.31 0.60 -0.18
N ARG A 18 23.17 1.89 -0.49
CA ARG A 18 23.51 2.40 -1.81
C ARG A 18 24.59 3.47 -1.71
N PHE A 19 25.46 3.50 -2.71
CA PHE A 19 26.57 4.46 -2.74
C PHE A 19 26.89 4.84 -4.17
N LYS A 20 27.37 6.07 -4.32
CA LYS A 20 28.07 6.47 -5.54
C LYS A 20 29.41 5.74 -5.63
N ALA A 21 29.76 5.31 -6.83
CA ALA A 21 31.07 4.73 -7.11
C ALA A 21 31.83 5.71 -7.98
N ILE A 22 32.95 6.21 -7.46
CA ILE A 22 33.73 7.25 -8.12
C ILE A 22 35.02 6.61 -8.64
N PRO A 23 35.27 6.59 -9.95
CA PRO A 23 36.48 5.92 -10.46
C PRO A 23 37.73 6.66 -10.03
N VAL A 24 38.79 5.90 -9.81
CA VAL A 24 40.04 6.40 -9.25
C VAL A 24 41.15 6.22 -10.27
N GLY A 25 41.91 7.28 -10.49
CA GLY A 25 43.07 7.20 -11.37
C GLY A 25 42.66 6.91 -12.81
N LYS A 26 43.48 6.11 -13.47
CA LYS A 26 43.22 5.69 -14.85
C LYS A 26 42.07 4.71 -14.97
N THR A 27 41.20 4.53 -13.97
CA THR A 27 40.17 3.49 -14.08
C THR A 27 39.18 3.80 -15.20
N GLN A 28 38.67 5.04 -15.24
CA GLN A 28 37.66 5.37 -16.23
C GLN A 28 38.25 5.41 -17.64
N GLU A 29 39.50 5.86 -17.77
CA GLU A 29 40.17 5.81 -19.07
C GLU A 29 40.30 4.38 -19.56
N ASN A 30 40.75 3.47 -18.70
CA ASN A 30 40.91 2.07 -19.09
C ASN A 30 39.57 1.38 -19.32
N ILE A 31 38.53 1.81 -18.61
CA ILE A 31 37.19 1.30 -18.90
C ILE A 31 36.72 1.82 -20.26
N ASP A 32 37.02 3.08 -20.58
CA ASP A 32 36.65 3.62 -21.88
C ASP A 32 37.41 2.94 -23.00
N ASN A 33 38.71 2.68 -22.78
CA ASN A 33 39.55 2.09 -23.83
C ASN A 33 39.14 0.65 -24.14
N LYS A 34 38.60 -0.06 -23.15
CA LYS A 34 38.13 -1.42 -23.34
C LYS A 34 36.67 -1.49 -23.76
N ARG A 35 35.96 -0.35 -23.79
CA ARG A 35 34.58 -0.27 -24.25
C ARG A 35 33.66 -1.16 -23.40
N LEU A 36 33.93 -1.21 -22.09
CA LEU A 36 33.17 -2.09 -21.22
C LEU A 36 31.76 -1.56 -20.98
N LEU A 37 31.61 -0.23 -20.85
CA LEU A 37 30.30 0.34 -20.61
C LEU A 37 29.37 0.16 -21.80
N VAL A 38 29.90 0.19 -23.02
CA VAL A 38 29.09 -0.03 -24.21
C VAL A 38 28.67 -1.50 -24.29
N GLU A 39 29.59 -2.42 -23.99
CA GLU A 39 29.26 -3.84 -23.97
C GLU A 39 28.13 -4.14 -22.99
N ASP A 40 28.17 -3.53 -21.81
CA ASP A 40 27.15 -3.80 -20.80
C ASP A 40 25.84 -3.09 -21.11
N GLU A 41 25.88 -1.92 -21.74
CA GLU A 41 24.64 -1.25 -22.11
C GLU A 41 23.91 -2.02 -23.21
N LYS A 42 24.67 -2.61 -24.13
CA LYS A 42 24.06 -3.49 -25.13
C LYS A 42 23.56 -4.77 -24.50
N ARG A 43 24.37 -5.39 -23.64
CA ARG A 43 24.00 -6.66 -23.04
C ARG A 43 22.68 -6.55 -22.28
N ALA A 44 22.46 -5.42 -21.59
CA ALA A 44 21.19 -5.22 -20.88
C ALA A 44 20.02 -5.23 -21.86
N GLU A 45 20.19 -4.62 -23.03
CA GLU A 45 19.11 -4.60 -24.02
C GLU A 45 18.88 -5.99 -24.61
N ASP A 46 19.96 -6.73 -24.89
CA ASP A 46 19.82 -8.10 -25.37
C ASP A 46 19.28 -9.01 -24.28
N TYR A 47 19.71 -8.80 -23.04
CA TYR A 47 19.25 -9.63 -21.93
C TYR A 47 17.74 -9.57 -21.78
N LYS A 48 17.16 -8.37 -21.86
CA LYS A 48 15.71 -8.22 -21.76
C LYS A 48 15.02 -8.91 -22.93
N GLY A 49 15.66 -8.93 -24.09
CA GLY A 49 15.06 -9.56 -25.25
C GLY A 49 15.08 -11.08 -25.17
N VAL A 50 16.16 -11.64 -24.61
CA VAL A 50 16.27 -13.10 -24.51
C VAL A 50 15.21 -13.65 -23.56
N LYS A 51 14.98 -12.96 -22.43
CA LYS A 51 13.97 -13.43 -21.48
C LYS A 51 12.61 -13.60 -22.13
N LYS A 52 12.26 -12.72 -23.08
CA LYS A 52 10.97 -12.84 -23.75
C LYS A 52 10.92 -14.07 -24.64
N LEU A 53 12.05 -14.40 -25.28
CA LEU A 53 12.12 -15.64 -26.05
C LEU A 53 12.11 -16.85 -25.13
N LEU A 54 12.87 -16.79 -24.03
CA LEU A 54 12.85 -17.87 -23.05
C LEU A 54 11.44 -18.10 -22.52
N ASP A 55 10.67 -17.02 -22.35
CA ASP A 55 9.27 -17.14 -21.95
C ASP A 55 8.50 -17.99 -22.95
N ARG A 56 8.77 -17.81 -24.24
CA ARG A 56 8.01 -18.53 -25.28
C ARG A 56 8.13 -20.03 -25.10
N TYR A 57 9.35 -20.55 -24.92
CA TYR A 57 9.51 -21.99 -24.72
C TYR A 57 8.88 -22.42 -23.41
N TYR A 58 9.12 -21.67 -22.33
CA TYR A 58 8.47 -21.97 -21.06
C TYR A 58 6.95 -22.04 -21.23
N LEU A 59 6.38 -21.07 -21.96
CA LEU A 59 4.94 -21.12 -22.23
C LEU A 59 4.56 -22.39 -22.97
N SER A 60 5.29 -22.71 -24.04
CA SER A 60 4.97 -23.90 -24.83
C SER A 60 5.14 -25.17 -24.01
N PHE A 61 6.15 -25.21 -23.14
CA PHE A 61 6.36 -26.40 -22.32
C PHE A 61 5.20 -26.62 -21.36
N ILE A 62 4.61 -25.54 -20.84
CA ILE A 62 3.53 -25.67 -19.86
C ILE A 62 2.32 -26.34 -20.50
N ASN A 63 1.99 -25.96 -21.74
CA ASN A 63 0.83 -26.55 -22.42
C ASN A 63 1.01 -28.04 -22.66
N ASP A 64 2.24 -28.46 -22.98
CA ASP A 64 2.49 -29.88 -23.21
C ASP A 64 2.14 -30.71 -21.98
N VAL A 65 2.52 -30.23 -20.80
CA VAL A 65 2.25 -31.01 -19.60
C VAL A 65 0.80 -30.81 -19.14
N LEU A 66 0.25 -29.61 -19.32
CA LEU A 66 -1.11 -29.34 -18.87
C LEU A 66 -2.14 -30.10 -19.72
N HIS A 67 -1.87 -30.26 -21.03
CA HIS A 67 -2.77 -31.04 -21.87
C HIS A 67 -2.80 -32.50 -21.46
N SER A 68 -1.63 -33.08 -21.17
CA SER A 68 -1.55 -34.50 -20.86
C SER A 68 -2.22 -34.84 -19.54
N ILE A 69 -2.34 -33.85 -18.65
CA ILE A 69 -2.63 -34.14 -17.25
C ILE A 69 -4.08 -34.58 -17.09
N LYS A 70 -4.31 -35.43 -16.09
CA LYS A 70 -5.65 -35.86 -15.70
C LYS A 70 -5.69 -35.93 -14.18
N LEU A 71 -6.54 -35.11 -13.56
CA LEU A 71 -6.57 -35.00 -12.12
C LEU A 71 -7.35 -36.16 -11.51
N LYS A 72 -6.80 -36.72 -10.43
CA LYS A 72 -7.30 -37.97 -9.85
C LYS A 72 -8.45 -37.77 -8.88
N ASN A 73 -8.34 -36.81 -7.96
CA ASN A 73 -9.30 -36.67 -6.87
C ASN A 73 -10.57 -35.93 -7.26
N LEU A 74 -10.74 -35.60 -8.55
CA LEU A 74 -11.58 -34.47 -8.94
C LEU A 74 -12.99 -34.56 -8.37
N ASN A 75 -13.69 -35.68 -8.62
CA ASN A 75 -15.08 -35.80 -8.18
C ASN A 75 -15.18 -35.77 -6.66
N ASN A 76 -14.35 -36.58 -5.98
CA ASN A 76 -14.35 -36.61 -4.52
C ASN A 76 -14.09 -35.23 -3.94
N TYR A 77 -13.15 -34.49 -4.52
CA TYR A 77 -12.81 -33.17 -4.01
C TYR A 77 -14.00 -32.21 -4.13
N ILE A 78 -14.65 -32.18 -5.30
CA ILE A 78 -15.69 -31.18 -5.54
C ILE A 78 -16.86 -31.36 -4.59
N SER A 79 -17.26 -32.61 -4.34
CA SER A 79 -18.35 -32.85 -3.40
C SER A 79 -17.99 -32.37 -2.00
N LEU A 80 -16.82 -32.77 -1.51
CA LEU A 80 -16.37 -32.30 -0.19
C LEU A 80 -16.28 -30.78 -0.16
N PHE A 81 -15.87 -30.17 -1.28
CA PHE A 81 -15.84 -28.72 -1.37
C PHE A 81 -17.22 -28.11 -1.22
N ARG A 82 -18.26 -28.83 -1.64
CA ARG A 82 -19.60 -28.25 -1.69
C ARG A 82 -20.34 -28.33 -0.36
N LYS A 83 -19.99 -29.28 0.50
CA LYS A 83 -20.67 -29.40 1.78
C LYS A 83 -20.48 -28.13 2.60
N LYS A 84 -21.59 -27.57 3.08
CA LYS A 84 -21.55 -26.38 3.91
C LYS A 84 -21.50 -26.67 5.40
N THR A 85 -21.63 -27.94 5.80
CA THR A 85 -21.52 -28.35 7.21
C THR A 85 -20.47 -29.45 7.31
N ARG A 86 -19.20 -29.04 7.40
CA ARG A 86 -18.06 -29.93 7.47
C ARG A 86 -17.48 -29.91 8.87
N THR A 87 -17.36 -31.09 9.49
CA THR A 87 -16.59 -31.18 10.72
C THR A 87 -15.17 -30.70 10.45
N GLU A 88 -14.51 -30.21 11.50
CA GLU A 88 -13.12 -29.78 11.36
C GLU A 88 -12.26 -30.89 10.79
N LYS A 89 -12.62 -32.14 11.07
CA LYS A 89 -11.91 -33.27 10.46
C LYS A 89 -12.06 -33.26 8.95
N GLU A 90 -13.25 -32.94 8.44
CA GLU A 90 -13.46 -32.89 6.99
C GLU A 90 -12.83 -31.67 6.35
N ASN A 91 -12.61 -30.59 7.11
CA ASN A 91 -11.90 -29.44 6.55
C ASN A 91 -10.42 -29.77 6.34
N LYS A 92 -9.83 -30.52 7.26
CA LYS A 92 -8.46 -31.01 7.04
C LYS A 92 -8.42 -32.05 5.94
N GLU A 93 -9.50 -32.82 5.77
CA GLU A 93 -9.60 -33.74 4.64
C GLU A 93 -9.55 -32.98 3.32
N LEU A 94 -10.29 -31.86 3.24
CA LEU A 94 -10.29 -31.06 2.01
C LEU A 94 -8.93 -30.47 1.73
N GLU A 95 -8.22 -30.03 2.77
CA GLU A 95 -6.88 -29.48 2.59
C GLU A 95 -5.93 -30.52 2.02
N ASN A 96 -6.06 -31.78 2.46
CA ASN A 96 -5.22 -32.84 1.93
C ASN A 96 -5.53 -33.11 0.47
N LEU A 97 -6.81 -33.19 0.11
CA LEU A 97 -7.17 -33.40 -1.28
C LEU A 97 -6.73 -32.22 -2.15
N GLU A 98 -6.79 -31.01 -1.59
CA GLU A 98 -6.35 -29.83 -2.33
C GLU A 98 -4.83 -29.83 -2.53
N ILE A 99 -4.08 -30.27 -1.51
CA ILE A 99 -2.64 -30.35 -1.63
C ILE A 99 -2.23 -31.39 -2.66
N ASN A 100 -2.90 -32.56 -2.62
CA ASN A 100 -2.56 -33.63 -3.55
C ASN A 100 -2.82 -33.22 -4.99
N LEU A 101 -3.88 -32.44 -5.22
CA LEU A 101 -4.15 -31.97 -6.58
C LEU A 101 -3.03 -31.07 -7.07
N ARG A 102 -2.56 -30.16 -6.22
CA ARG A 102 -1.44 -29.32 -6.61
C ARG A 102 -0.17 -30.14 -6.82
N LYS A 103 0.00 -31.20 -6.03
CA LYS A 103 1.17 -32.06 -6.19
C LYS A 103 1.10 -32.89 -7.47
N GLU A 104 -0.11 -33.28 -7.88
CA GLU A 104 -0.25 -33.97 -9.15
C GLU A 104 0.20 -33.09 -10.31
N ILE A 105 -0.09 -31.79 -10.24
CA ILE A 105 0.30 -30.87 -11.30
C ILE A 105 1.80 -30.62 -11.27
N ALA A 106 2.35 -30.35 -10.09
CA ALA A 106 3.78 -30.05 -9.95
C ALA A 106 4.64 -31.27 -10.29
N LYS A 107 4.26 -32.45 -9.79
CA LYS A 107 5.03 -33.64 -10.09
C LYS A 107 4.96 -34.00 -11.57
N ALA A 108 3.89 -33.58 -12.25
CA ALA A 108 3.82 -33.77 -13.69
C ALA A 108 4.82 -32.88 -14.41
N PHE A 109 5.09 -31.69 -13.88
CA PHE A 109 6.15 -30.84 -14.44
C PHE A 109 7.53 -31.41 -14.12
N LYS A 110 7.82 -31.60 -12.84
CA LYS A 110 9.14 -32.01 -12.36
C LYS A 110 9.47 -33.47 -12.62
N GLY A 111 8.48 -34.29 -13.01
CA GLY A 111 8.76 -35.67 -13.35
C GLY A 111 9.36 -35.87 -14.72
N ASN A 112 9.30 -34.85 -15.58
CA ASN A 112 9.83 -34.97 -16.93
C ASN A 112 11.35 -35.00 -16.95
N GLU A 113 11.90 -35.65 -17.97
CA GLU A 113 13.33 -35.49 -18.24
C GLU A 113 13.65 -34.05 -18.59
N GLY A 114 12.71 -33.35 -19.23
CA GLY A 114 12.98 -32.02 -19.73
C GLY A 114 13.00 -30.94 -18.67
N TYR A 115 12.30 -31.17 -17.54
CA TYR A 115 12.18 -30.14 -16.52
C TYR A 115 13.55 -29.68 -16.02
N LYS A 116 14.44 -30.63 -15.72
CA LYS A 116 15.74 -30.26 -15.17
C LYS A 116 16.54 -29.41 -16.14
N SER A 117 16.26 -29.54 -17.45
CA SER A 117 17.07 -28.83 -18.44
C SER A 117 16.70 -27.36 -18.53
N LEU A 118 15.46 -27.00 -18.21
CA LEU A 118 14.99 -25.64 -18.45
C LEU A 118 15.74 -24.61 -17.62
N PHE A 119 16.14 -24.94 -16.40
CA PHE A 119 16.83 -24.00 -15.53
C PHE A 119 18.32 -24.31 -15.39
N LYS A 120 18.88 -25.04 -16.33
CA LYS A 120 20.30 -25.38 -16.36
C LYS A 120 20.96 -24.62 -17.51
N LYS A 121 22.26 -24.85 -17.69
CA LYS A 121 22.98 -24.19 -18.77
C LYS A 121 22.40 -24.56 -20.13
N ASP A 122 21.80 -25.76 -20.23
CA ASP A 122 21.48 -26.34 -21.52
C ASP A 122 20.48 -25.51 -22.30
N ILE A 123 19.55 -24.83 -21.62
CA ILE A 123 18.40 -24.23 -22.31
C ILE A 123 18.86 -23.21 -23.34
N ILE A 124 19.85 -22.39 -23.01
CA ILE A 124 20.33 -21.37 -23.93
C ILE A 124 21.20 -21.99 -25.02
N GLU A 125 22.03 -22.96 -24.66
CA GLU A 125 23.01 -23.48 -25.60
C GLU A 125 22.36 -24.38 -26.66
N THR A 126 21.43 -25.25 -26.24
CA THR A 126 20.92 -26.26 -27.17
C THR A 126 19.40 -26.32 -27.30
N ILE A 127 18.64 -26.35 -26.20
CA ILE A 127 17.19 -26.56 -26.29
C ILE A 127 16.50 -25.37 -26.97
N LEU A 128 16.87 -24.15 -26.62
CA LEU A 128 16.22 -22.98 -27.22
C LEU A 128 16.54 -22.84 -28.70
N PRO A 129 17.79 -22.97 -29.16
CA PRO A 129 18.06 -22.80 -30.60
C PRO A 129 17.25 -23.75 -31.49
N GLU A 130 17.17 -25.03 -31.13
CA GLU A 130 16.37 -25.96 -31.93
C GLU A 130 14.91 -25.56 -31.95
N PHE A 131 14.41 -25.01 -30.84
CA PHE A 131 13.01 -24.60 -30.77
C PHE A 131 12.72 -23.42 -31.69
N LEU A 132 13.58 -22.41 -31.67
CA LEU A 132 13.33 -21.22 -32.48
C LEU A 132 13.48 -21.52 -33.97
N ASP A 133 12.80 -20.71 -34.78
CA ASP A 133 12.84 -20.86 -36.22
C ASP A 133 13.24 -19.56 -36.92
N ASP A 134 13.76 -18.58 -36.21
CA ASP A 134 14.20 -17.32 -36.76
C ASP A 134 15.71 -17.21 -36.58
N LYS A 135 16.40 -16.85 -37.66
CA LYS A 135 17.86 -16.78 -37.60
C LYS A 135 18.33 -15.70 -36.63
N ASP A 136 17.64 -14.55 -36.61
CA ASP A 136 18.06 -13.46 -35.73
C ASP A 136 17.94 -13.85 -34.26
N GLU A 137 16.81 -14.44 -33.89
CA GLU A 137 16.56 -14.77 -32.48
C GLU A 137 17.55 -15.82 -31.97
N ILE A 138 17.85 -16.84 -32.80
CA ILE A 138 18.85 -17.84 -32.41
C ILE A 138 20.21 -17.19 -32.22
N ALA A 139 20.54 -16.17 -33.01
CA ALA A 139 21.79 -15.47 -32.80
C ALA A 139 21.82 -14.78 -31.44
N LEU A 140 20.67 -14.23 -31.01
CA LEU A 140 20.62 -13.54 -29.73
C LEU A 140 20.82 -14.52 -28.58
N VAL A 141 20.14 -15.66 -28.62
CA VAL A 141 20.34 -16.71 -27.62
C VAL A 141 21.78 -17.20 -27.64
N ASN A 142 22.40 -17.23 -28.83
CA ASN A 142 23.80 -17.61 -28.94
C ASN A 142 24.75 -16.58 -28.36
N SER A 143 24.31 -15.34 -28.19
CA SER A 143 25.18 -14.32 -27.61
C SER A 143 25.51 -14.58 -26.15
N PHE A 144 24.76 -15.46 -25.49
CA PHE A 144 24.89 -15.65 -24.05
C PHE A 144 25.49 -16.99 -23.64
N ASN A 145 26.13 -17.72 -24.56
CA ASN A 145 26.89 -18.87 -24.12
C ASN A 145 28.10 -18.41 -23.31
N GLY A 146 28.46 -19.20 -22.30
CA GLY A 146 29.43 -18.75 -21.33
C GLY A 146 28.91 -17.70 -20.37
N PHE A 147 27.69 -17.20 -20.58
CA PHE A 147 27.07 -16.21 -19.71
C PHE A 147 25.79 -16.76 -19.09
N THR A 148 25.70 -18.08 -18.94
CA THR A 148 24.48 -18.69 -18.43
C THR A 148 24.25 -18.35 -16.97
N THR A 149 25.32 -18.26 -16.18
CA THR A 149 25.18 -18.04 -14.74
C THR A 149 24.39 -16.76 -14.44
N ALA A 150 24.54 -15.73 -15.27
CA ALA A 150 23.85 -14.47 -15.00
C ALA A 150 22.34 -14.58 -15.14
N PHE A 151 21.85 -15.68 -15.73
CA PHE A 151 20.42 -15.92 -15.86
C PHE A 151 19.80 -16.54 -14.62
N THR A 152 20.61 -16.92 -13.62
CA THR A 152 20.12 -17.61 -12.43
C THR A 152 18.92 -16.90 -11.80
N GLY A 153 18.99 -15.57 -11.70
CA GLY A 153 17.88 -14.83 -11.14
C GLY A 153 16.59 -15.02 -11.91
N PHE A 154 16.68 -15.02 -13.25
CA PHE A 154 15.49 -15.25 -14.06
C PHE A 154 14.98 -16.67 -13.93
N PHE A 155 15.88 -17.64 -13.88
CA PHE A 155 15.46 -19.02 -13.74
C PHE A 155 14.61 -19.20 -12.49
N ASP A 156 15.03 -18.61 -11.37
CA ASP A 156 14.32 -18.76 -10.10
C ASP A 156 12.89 -18.24 -10.19
N ASN A 157 12.70 -17.09 -10.85
CA ASN A 157 11.35 -16.55 -11.02
C ASN A 157 10.45 -17.52 -11.77
N ARG A 158 11.04 -18.36 -12.63
CA ARG A 158 10.25 -19.36 -13.35
C ARG A 158 10.08 -20.64 -12.55
N GLU A 159 11.08 -21.01 -11.75
CA GLU A 159 10.91 -22.16 -10.87
C GLU A 159 9.70 -21.99 -9.96
N ASN A 160 9.32 -20.74 -9.66
CA ASN A 160 8.16 -20.50 -8.83
C ASN A 160 6.88 -21.03 -9.46
N MET A 161 6.81 -21.06 -10.80
CA MET A 161 5.59 -21.47 -11.47
C MET A 161 5.28 -22.94 -11.22
N PHE A 162 6.31 -23.77 -11.09
CA PHE A 162 6.14 -25.20 -10.97
C PHE A 162 6.15 -25.68 -9.53
N SER A 163 6.04 -24.76 -8.57
CA SER A 163 5.94 -25.18 -7.18
C SER A 163 4.55 -25.72 -6.88
N GLU A 164 4.49 -26.66 -5.96
CA GLU A 164 3.25 -27.25 -5.49
C GLU A 164 2.62 -26.46 -4.36
N GLU A 165 3.34 -25.48 -3.82
CA GLU A 165 2.85 -24.72 -2.68
C GLU A 165 1.68 -23.82 -3.09
N ALA A 166 0.92 -23.39 -2.08
CA ALA A 166 -0.20 -22.47 -2.29
C ALA A 166 0.33 -21.03 -2.31
N LYS A 167 1.00 -20.70 -3.41
CA LYS A 167 1.62 -19.38 -3.56
C LYS A 167 1.17 -18.74 -4.86
N SER A 168 1.10 -17.41 -4.84
CA SER A 168 0.51 -16.67 -5.96
C SER A 168 1.19 -17.00 -7.28
N THR A 169 2.49 -17.31 -7.25
CA THR A 169 3.24 -17.50 -8.49
C THR A 169 2.95 -18.84 -9.15
N SER A 170 2.52 -19.83 -8.38
CA SER A 170 2.50 -21.21 -8.84
C SER A 170 1.41 -21.45 -9.88
N ILE A 171 1.70 -22.38 -10.81
CA ILE A 171 0.69 -22.84 -11.76
C ILE A 171 -0.38 -23.67 -11.04
N ALA A 172 0.06 -24.64 -10.24
CA ALA A 172 -0.86 -25.49 -9.51
C ALA A 172 -1.76 -24.71 -8.57
N PHE A 173 -1.33 -23.51 -8.13
CA PHE A 173 -2.17 -22.69 -7.29
C PHE A 173 -3.26 -22.01 -8.11
N ARG A 174 -2.88 -21.47 -9.27
CA ARG A 174 -3.87 -20.91 -10.19
C ARG A 174 -4.90 -21.96 -10.61
N CYS A 175 -4.44 -23.19 -10.86
CA CYS A 175 -5.35 -24.21 -11.37
C CYS A 175 -6.33 -24.67 -10.30
N ILE A 176 -5.83 -24.87 -9.08
CA ILE A 176 -6.59 -25.55 -8.01
C ILE A 176 -7.24 -24.55 -7.06
N ASN A 177 -6.47 -23.62 -6.50
CA ASN A 177 -7.03 -22.71 -5.51
C ASN A 177 -7.91 -21.62 -6.14
N GLU A 178 -7.60 -21.20 -7.37
CA GLU A 178 -8.31 -20.10 -8.02
C GLU A 178 -9.30 -20.57 -9.08
N ASN A 179 -8.81 -21.28 -10.11
CA ASN A 179 -9.67 -21.68 -11.21
C ASN A 179 -10.64 -22.78 -10.79
N LEU A 180 -10.14 -23.79 -10.08
CA LEU A 180 -11.02 -24.88 -9.65
C LEU A 180 -12.09 -24.36 -8.70
N THR A 181 -11.74 -23.42 -7.81
CA THR A 181 -12.75 -22.82 -6.94
C THR A 181 -13.80 -22.07 -7.76
N ARG A 182 -13.37 -21.37 -8.81
CA ARG A 182 -14.31 -20.69 -9.69
C ARG A 182 -15.15 -21.67 -10.49
N TYR A 183 -14.51 -22.72 -11.02
CA TYR A 183 -15.23 -23.75 -11.76
C TYR A 183 -16.37 -24.33 -10.93
N ILE A 184 -16.08 -24.69 -9.68
CA ILE A 184 -17.10 -25.29 -8.82
C ILE A 184 -18.20 -24.27 -8.51
N SER A 185 -17.84 -23.00 -8.35
CA SER A 185 -18.86 -21.98 -8.15
C SER A 185 -19.75 -21.83 -9.38
N ASN A 186 -19.19 -22.10 -10.56
CA ASN A 186 -19.97 -21.99 -11.79
C ASN A 186 -20.85 -23.21 -12.02
N MET A 187 -20.45 -24.38 -11.54
CA MET A 187 -21.33 -25.54 -11.58
C MET A 187 -22.57 -25.30 -10.72
N ASP A 188 -22.38 -24.71 -9.53
CA ASP A 188 -23.52 -24.39 -8.67
C ASP A 188 -24.48 -23.42 -9.35
N ILE A 189 -23.94 -22.40 -10.02
CA ILE A 189 -24.77 -21.42 -10.71
C ILE A 189 -25.45 -22.06 -11.91
N PHE A 190 -24.79 -23.04 -12.54
CA PHE A 190 -25.35 -23.65 -13.75
C PHE A 190 -26.62 -24.43 -13.47
N GLU A 191 -26.61 -25.25 -12.42
CA GLU A 191 -27.77 -26.09 -12.13
C GLU A 191 -29.00 -25.27 -11.77
N LYS A 192 -28.82 -24.12 -11.11
CA LYS A 192 -29.95 -23.26 -10.81
C LYS A 192 -30.52 -22.64 -12.08
N VAL A 193 -29.66 -22.30 -13.04
CA VAL A 193 -30.02 -21.48 -14.19
C VAL A 193 -29.99 -22.29 -15.49
N ASP A 194 -29.91 -23.62 -15.40
CA ASP A 194 -29.71 -24.45 -16.59
C ASP A 194 -30.86 -24.33 -17.56
N ALA A 195 -32.09 -24.28 -17.06
CA ALA A 195 -33.26 -24.47 -17.92
C ALA A 195 -33.46 -23.28 -18.86
N ILE A 196 -33.18 -22.05 -18.40
CA ILE A 196 -33.55 -20.86 -19.15
C ILE A 196 -32.81 -20.76 -20.48
N PHE A 197 -31.64 -21.40 -20.60
CA PHE A 197 -30.95 -21.42 -21.89
C PHE A 197 -31.76 -22.22 -22.90
N ASP A 198 -32.13 -21.56 -23.99
CA ASP A 198 -33.00 -22.16 -24.99
C ASP A 198 -32.30 -23.30 -25.71
N LYS A 199 -33.11 -24.26 -26.16
CA LYS A 199 -32.62 -25.41 -26.92
C LYS A 199 -31.89 -24.98 -28.18
N HIS A 200 -32.44 -24.00 -28.91
CA HIS A 200 -31.72 -23.41 -30.03
C HIS A 200 -30.46 -22.67 -29.56
N GLU A 201 -30.58 -21.97 -28.43
CA GLU A 201 -29.50 -21.12 -27.95
C GLU A 201 -28.23 -21.94 -27.67
N VAL A 202 -28.39 -23.15 -27.15
CA VAL A 202 -27.23 -23.99 -26.84
C VAL A 202 -26.63 -24.57 -28.10
N GLN A 203 -27.49 -24.98 -29.05
CA GLN A 203 -26.98 -25.60 -30.27
C GLN A 203 -26.16 -24.60 -31.08
N GLU A 204 -26.52 -23.32 -31.03
CA GLU A 204 -25.66 -22.27 -31.55
C GLU A 204 -24.25 -22.41 -31.03
N ILE A 205 -24.09 -22.24 -29.72
CA ILE A 205 -22.78 -22.15 -29.08
C ILE A 205 -21.93 -23.39 -29.37
N LYS A 206 -22.57 -24.53 -29.63
CA LYS A 206 -21.81 -25.75 -29.89
C LYS A 206 -21.15 -25.71 -31.26
N GLU A 207 -21.83 -25.16 -32.27
CA GLU A 207 -21.21 -25.05 -33.59
C GLU A 207 -20.40 -23.78 -33.75
N LYS A 208 -20.92 -22.65 -33.25
CA LYS A 208 -20.24 -21.37 -33.43
C LYS A 208 -18.95 -21.31 -32.60
N ILE A 209 -19.03 -21.70 -31.32
CA ILE A 209 -17.89 -21.61 -30.41
C ILE A 209 -17.20 -22.97 -30.32
N LEU A 210 -17.94 -23.98 -29.86
CA LEU A 210 -17.35 -25.26 -29.53
C LEU A 210 -16.76 -25.97 -30.75
N ASN A 211 -17.23 -25.63 -31.95
CA ASN A 211 -16.86 -26.30 -33.20
C ASN A 211 -17.37 -27.74 -33.24
N SER A 212 -18.37 -28.06 -32.42
CA SER A 212 -19.10 -29.33 -32.34
C SER A 212 -18.31 -30.45 -31.69
N ASP A 213 -17.16 -30.16 -31.06
CA ASP A 213 -16.37 -31.22 -30.45
C ASP A 213 -16.88 -31.59 -29.07
N TYR A 214 -17.44 -30.64 -28.33
CA TYR A 214 -17.98 -30.92 -26.99
C TYR A 214 -19.31 -30.20 -26.83
N ASP A 215 -20.13 -30.70 -25.91
CA ASP A 215 -21.39 -30.06 -25.59
C ASP A 215 -21.18 -29.01 -24.51
N VAL A 216 -22.04 -27.99 -24.51
CA VAL A 216 -21.93 -26.92 -23.53
C VAL A 216 -22.13 -27.46 -22.12
N GLU A 217 -22.93 -28.53 -21.99
CA GLU A 217 -23.18 -29.10 -20.67
C GLU A 217 -21.91 -29.69 -20.06
N ASP A 218 -21.06 -30.31 -20.90
CA ASP A 218 -19.84 -30.93 -20.40
C ASP A 218 -19.02 -29.94 -19.59
N PHE A 219 -19.03 -28.67 -19.98
CA PHE A 219 -18.18 -27.67 -19.33
C PHE A 219 -18.62 -27.37 -17.90
N PHE A 220 -19.73 -27.94 -17.44
CA PHE A 220 -20.16 -27.74 -16.06
C PHE A 220 -20.27 -29.07 -15.31
N GLU A 221 -19.60 -30.11 -15.81
CA GLU A 221 -19.36 -31.34 -15.08
C GLU A 221 -18.02 -31.28 -14.36
N GLY A 222 -17.97 -31.90 -13.19
CA GLY A 222 -16.75 -31.85 -12.40
C GLY A 222 -15.59 -32.58 -13.05
N GLU A 223 -15.85 -33.75 -13.63
CA GLU A 223 -14.78 -34.56 -14.21
C GLU A 223 -14.19 -33.94 -15.46
N PHE A 224 -14.82 -32.91 -16.00
CA PHE A 224 -14.34 -32.27 -17.21
C PHE A 224 -13.35 -31.13 -16.92
N PHE A 225 -12.95 -30.96 -15.66
CA PHE A 225 -12.10 -29.83 -15.29
C PHE A 225 -10.75 -29.85 -15.98
N ASN A 226 -10.24 -31.04 -16.34
CA ASN A 226 -8.90 -31.14 -16.89
C ASN A 226 -8.73 -30.31 -18.16
N PHE A 227 -9.78 -30.24 -18.97
CA PHE A 227 -9.72 -29.48 -20.22
C PHE A 227 -9.31 -28.03 -19.99
N VAL A 228 -9.68 -27.44 -18.86
CA VAL A 228 -9.58 -26.00 -18.67
C VAL A 228 -8.31 -25.60 -17.91
N LEU A 229 -7.37 -26.53 -17.70
CA LEU A 229 -6.09 -26.14 -17.12
C LEU A 229 -5.24 -25.35 -18.10
N THR A 230 -5.39 -25.60 -19.39
CA THR A 230 -4.63 -24.89 -20.40
C THR A 230 -5.28 -23.54 -20.74
N GLN A 231 -4.45 -22.61 -21.23
CA GLN A 231 -4.99 -21.32 -21.64
C GLN A 231 -5.98 -21.50 -22.78
N GLU A 232 -5.70 -22.43 -23.69
CA GLU A 232 -6.66 -22.75 -24.73
C GLU A 232 -8.00 -23.19 -24.14
N GLY A 233 -7.96 -24.07 -23.14
CA GLY A 233 -9.19 -24.50 -22.50
C GLY A 233 -9.89 -23.38 -21.76
N ILE A 234 -9.12 -22.51 -21.12
CA ILE A 234 -9.72 -21.35 -20.44
C ILE A 234 -10.38 -20.43 -21.45
N ASP A 235 -9.74 -20.24 -22.61
CA ASP A 235 -10.31 -19.37 -23.62
C ASP A 235 -11.67 -19.86 -24.10
N VAL A 236 -11.84 -21.19 -24.21
CA VAL A 236 -13.10 -21.74 -24.68
C VAL A 236 -14.16 -21.60 -23.59
N TYR A 237 -13.81 -21.93 -22.35
CA TYR A 237 -14.76 -21.83 -21.25
C TYR A 237 -15.19 -20.39 -21.03
N ASN A 238 -14.27 -19.45 -21.15
CA ASN A 238 -14.65 -18.04 -21.03
C ASN A 238 -15.49 -17.60 -22.22
N ALA A 239 -15.28 -18.23 -23.39
CA ALA A 239 -16.00 -17.83 -24.60
C ALA A 239 -17.47 -18.23 -24.53
N ILE A 240 -17.76 -19.38 -23.92
CA ILE A 240 -19.16 -19.77 -23.71
C ILE A 240 -19.86 -18.75 -22.84
N ILE A 241 -19.18 -18.30 -21.77
CA ILE A 241 -19.79 -17.38 -20.83
C ILE A 241 -19.88 -15.97 -21.42
N GLY A 242 -18.81 -15.51 -22.06
CA GLY A 242 -18.80 -14.15 -22.57
C GLY A 242 -19.42 -13.99 -23.94
N GLY A 243 -19.35 -15.02 -24.77
CA GLY A 243 -19.74 -14.88 -26.15
C GLY A 243 -18.53 -14.86 -27.06
N PHE A 244 -18.74 -15.27 -28.31
CA PHE A 244 -17.65 -15.44 -29.25
C PHE A 244 -17.91 -14.66 -30.53
N VAL A 245 -16.82 -14.35 -31.21
CA VAL A 245 -16.83 -13.71 -32.52
C VAL A 245 -16.05 -14.63 -33.45
N THR A 246 -16.74 -15.17 -34.46
CA THR A 246 -16.17 -16.19 -35.33
C THR A 246 -15.14 -15.60 -36.29
N GLU A 247 -14.60 -16.47 -37.16
CA GLU A 247 -13.78 -15.99 -38.26
C GLU A 247 -14.61 -15.16 -39.23
N SER A 248 -15.87 -15.54 -39.42
CA SER A 248 -16.79 -14.69 -40.18
C SER A 248 -17.11 -13.40 -39.42
N GLY A 249 -17.07 -13.46 -38.09
CA GLY A 249 -17.34 -12.30 -37.26
C GLY A 249 -18.75 -12.20 -36.71
N GLU A 250 -19.63 -13.13 -37.07
CA GLU A 250 -21.01 -13.09 -36.59
C GLU A 250 -21.03 -13.17 -35.07
N LYS A 251 -21.78 -12.27 -34.44
CA LYS A 251 -21.83 -12.23 -32.99
C LYS A 251 -22.57 -13.46 -32.47
N ILE A 252 -21.92 -14.17 -31.54
CA ILE A 252 -22.50 -15.35 -30.90
C ILE A 252 -22.72 -15.00 -29.44
N LYS A 253 -23.94 -15.22 -28.97
CA LYS A 253 -24.30 -14.82 -27.61
C LYS A 253 -23.76 -15.83 -26.60
N GLY A 254 -23.51 -15.33 -25.39
CA GLY A 254 -22.96 -16.15 -24.31
C GLY A 254 -24.02 -16.45 -23.26
N LEU A 255 -23.79 -17.52 -22.51
CA LEU A 255 -24.70 -17.91 -21.44
C LEU A 255 -24.95 -16.76 -20.47
N ASN A 256 -23.87 -16.07 -20.07
CA ASN A 256 -24.05 -14.98 -19.11
C ASN A 256 -24.83 -13.82 -19.71
N GLU A 257 -24.82 -13.70 -21.04
CA GLU A 257 -25.61 -12.65 -21.69
C GLU A 257 -27.09 -13.04 -21.74
N TYR A 258 -27.37 -14.33 -21.95
CA TYR A 258 -28.74 -14.82 -21.87
C TYR A 258 -29.35 -14.56 -20.51
N ILE A 259 -28.63 -14.93 -19.45
CA ILE A 259 -29.09 -14.71 -18.08
C ILE A 259 -29.43 -13.24 -17.86
N ASN A 260 -28.60 -12.35 -18.41
CA ASN A 260 -28.86 -10.92 -18.31
C ASN A 260 -30.25 -10.58 -18.84
N LEU A 261 -30.54 -10.96 -20.09
CA LEU A 261 -31.83 -10.65 -20.69
C LEU A 261 -32.99 -11.18 -19.83
N TYR A 262 -32.89 -12.44 -19.40
CA TYR A 262 -33.96 -13.07 -18.63
C TYR A 262 -34.23 -12.32 -17.33
N ASN A 263 -33.20 -12.17 -16.50
CA ASN A 263 -33.38 -11.49 -15.21
C ASN A 263 -33.85 -10.05 -15.42
N GLN A 264 -33.26 -9.36 -16.41
CA GLN A 264 -33.73 -8.07 -16.85
C GLN A 264 -35.23 -8.10 -17.16
N LYS A 265 -35.57 -8.81 -18.23
CA LYS A 265 -36.91 -8.74 -18.78
C LYS A 265 -37.97 -9.17 -17.77
N THR A 266 -37.62 -10.09 -16.85
CA THR A 266 -38.56 -10.55 -15.83
C THR A 266 -38.38 -9.85 -14.49
N LYS A 267 -37.53 -8.81 -14.42
CA LYS A 267 -37.25 -8.08 -13.17
C LYS A 267 -36.80 -9.02 -12.05
N GLN A 268 -36.00 -10.03 -12.40
CA GLN A 268 -35.48 -11.02 -11.46
C GLN A 268 -33.97 -10.83 -11.32
N LYS A 269 -33.34 -11.68 -10.48
CA LYS A 269 -31.91 -11.55 -10.17
C LYS A 269 -31.31 -12.94 -9.94
N LEU A 270 -31.14 -13.69 -11.03
CA LEU A 270 -30.39 -14.94 -11.02
C LEU A 270 -28.91 -14.65 -11.11
N PRO A 271 -28.05 -15.58 -10.70
CA PRO A 271 -26.62 -15.31 -10.67
C PRO A 271 -25.97 -15.48 -12.04
N LYS A 272 -24.72 -15.02 -12.12
CA LYS A 272 -24.00 -14.93 -13.37
C LYS A 272 -22.63 -15.57 -13.21
N PHE A 273 -22.16 -16.23 -14.27
CA PHE A 273 -20.95 -17.04 -14.18
C PHE A 273 -19.71 -16.17 -14.03
N LYS A 274 -18.80 -16.60 -13.15
CA LYS A 274 -17.47 -16.02 -13.11
C LYS A 274 -16.63 -16.59 -14.24
N PRO A 275 -15.93 -15.75 -15.00
CA PRO A 275 -14.96 -16.25 -15.97
C PRO A 275 -13.70 -16.76 -15.27
N LEU A 276 -12.95 -17.60 -15.98
CA LEU A 276 -11.77 -18.23 -15.41
C LEU A 276 -10.53 -17.38 -15.63
N TYR A 277 -9.71 -17.29 -14.58
CA TYR A 277 -8.47 -16.54 -14.67
C TYR A 277 -7.58 -17.13 -15.76
N LYS A 278 -6.71 -16.27 -16.31
CA LYS A 278 -5.75 -16.72 -17.31
C LYS A 278 -4.70 -17.63 -16.70
N GLN A 279 -4.09 -18.45 -17.55
CA GLN A 279 -2.93 -19.20 -17.10
C GLN A 279 -1.75 -18.26 -16.86
N VAL A 280 -0.72 -18.78 -16.18
CA VAL A 280 0.25 -17.92 -15.50
C VAL A 280 1.25 -17.22 -16.42
N LEU A 281 1.38 -17.64 -17.68
CA LEU A 281 2.35 -17.00 -18.56
C LEU A 281 1.76 -16.50 -19.88
N SER A 282 0.47 -16.70 -20.12
CA SER A 282 -0.16 -16.22 -21.34
C SER A 282 -0.27 -14.70 -21.36
N ASP A 283 -0.46 -14.14 -22.56
CA ASP A 283 -0.54 -12.69 -22.74
C ASP A 283 -1.98 -12.21 -22.91
N GLU A 292 2.84 1.59 -21.73
CA GLU A 292 4.24 1.58 -21.30
C GLU A 292 4.74 3.01 -21.06
N GLY A 293 3.89 3.99 -21.33
CA GLY A 293 4.25 5.37 -21.08
C GLY A 293 4.86 6.04 -22.29
N TYR A 294 4.68 7.36 -22.34
CA TYR A 294 5.19 8.17 -23.44
C TYR A 294 6.61 8.63 -23.13
N THR A 295 7.45 8.72 -24.17
CA THR A 295 8.88 8.86 -23.99
C THR A 295 9.45 10.19 -24.46
N SER A 296 8.64 11.09 -25.02
CA SER A 296 9.19 12.35 -25.51
C SER A 296 8.07 13.36 -25.69
N ASP A 297 8.46 14.64 -25.76
CA ASP A 297 7.50 15.70 -26.02
C ASP A 297 6.89 15.53 -27.40
N GLU A 298 7.63 14.99 -28.36
CA GLU A 298 7.11 14.82 -29.70
C GLU A 298 6.06 13.71 -29.73
N GLU A 299 6.25 12.66 -28.93
CA GLU A 299 5.27 11.59 -28.85
C GLU A 299 4.03 12.03 -28.07
N VAL A 300 4.22 12.69 -26.93
CA VAL A 300 3.11 13.18 -26.13
C VAL A 300 2.23 14.10 -26.97
N LEU A 301 2.86 15.01 -27.72
CA LEU A 301 2.09 15.88 -28.59
C LEU A 301 1.39 15.09 -29.67
N GLU A 302 2.13 14.21 -30.37
CA GLU A 302 1.58 13.47 -31.51
C GLU A 302 0.29 12.73 -31.15
N VAL A 303 0.18 12.22 -29.92
CA VAL A 303 -1.03 11.51 -29.52
C VAL A 303 -2.16 12.49 -29.27
N PHE A 304 -1.85 13.65 -28.67
CA PHE A 304 -2.89 14.65 -28.38
C PHE A 304 -3.52 15.18 -29.65
N ARG A 305 -2.72 15.40 -30.70
CA ARG A 305 -3.26 15.92 -31.95
C ARG A 305 -4.02 14.83 -32.71
N ASN A 306 -3.58 13.58 -32.58
CA ASN A 306 -4.16 12.49 -33.36
C ASN A 306 -5.49 12.03 -32.80
N THR A 307 -5.60 11.95 -31.48
CA THR A 307 -6.79 11.41 -30.84
C THR A 307 -7.84 12.46 -30.51
N LEU A 308 -7.49 13.76 -30.54
CA LEU A 308 -8.40 14.80 -30.06
C LEU A 308 -8.56 15.97 -31.03
N ASN A 309 -8.08 15.86 -32.26
CA ASN A 309 -8.36 16.92 -33.23
C ASN A 309 -9.82 16.82 -33.69
N LYS A 310 -10.25 17.82 -34.46
CA LYS A 310 -11.67 17.99 -34.74
C LYS A 310 -12.24 16.97 -35.73
N ASN A 311 -11.41 16.09 -36.30
CA ASN A 311 -11.91 14.99 -37.11
C ASN A 311 -11.38 13.65 -36.60
N SER A 312 -11.05 13.58 -35.32
CA SER A 312 -10.74 12.30 -34.70
C SER A 312 -12.03 11.57 -34.34
N GLU A 313 -11.89 10.29 -34.00
CA GLU A 313 -13.07 9.48 -33.70
C GLU A 313 -13.69 9.86 -32.36
N ILE A 314 -12.88 10.32 -31.41
CA ILE A 314 -13.41 10.75 -30.12
C ILE A 314 -14.26 12.00 -30.30
N PHE A 315 -13.80 12.96 -31.11
CA PHE A 315 -14.61 14.14 -31.42
C PHE A 315 -15.84 13.77 -32.24
N SER A 316 -15.76 12.68 -33.01
CA SER A 316 -16.93 12.23 -33.76
C SER A 316 -17.98 11.64 -32.82
N SER A 317 -17.54 10.88 -31.81
CA SER A 317 -18.48 10.33 -30.84
C SER A 317 -19.10 11.40 -29.95
N ILE A 318 -18.44 12.55 -29.80
CA ILE A 318 -19.02 13.64 -29.03
C ILE A 318 -20.15 14.31 -29.82
N LYS A 319 -19.96 14.47 -31.14
CA LYS A 319 -21.00 15.03 -31.98
C LYS A 319 -22.22 14.11 -32.08
N LYS A 320 -22.00 12.79 -32.03
CA LYS A 320 -23.12 11.86 -32.06
C LYS A 320 -23.90 11.86 -30.75
N LEU A 321 -23.18 11.95 -29.62
CA LEU A 321 -23.87 12.02 -28.33
C LEU A 321 -24.57 13.36 -28.13
N GLU A 322 -24.07 14.42 -28.76
CA GLU A 322 -24.79 15.69 -28.74
C GLU A 322 -26.10 15.58 -29.53
N LYS A 323 -26.08 14.87 -30.66
CA LYS A 323 -27.29 14.65 -31.43
C LYS A 323 -28.22 13.68 -30.72
N LEU A 324 -27.67 12.70 -29.99
CA LEU A 324 -28.50 11.73 -29.27
C LEU A 324 -29.25 12.41 -28.13
N PHE A 325 -28.54 13.13 -27.27
CA PHE A 325 -29.16 13.77 -26.12
C PHE A 325 -29.98 15.00 -26.48
N LYS A 326 -29.74 15.59 -27.65
CA LYS A 326 -30.64 16.64 -28.14
C LYS A 326 -32.02 16.07 -28.42
N ASN A 327 -32.12 14.79 -28.75
CA ASN A 327 -33.38 14.11 -28.96
C ASN A 327 -33.81 13.32 -27.73
N PHE A 328 -33.45 13.79 -26.53
CA PHE A 328 -33.73 13.04 -25.31
C PHE A 328 -35.23 12.86 -25.10
N ASP A 329 -36.04 13.83 -25.54
CA ASP A 329 -37.48 13.73 -25.37
C ASP A 329 -38.08 12.63 -26.23
N GLU A 330 -37.44 12.31 -27.36
CA GLU A 330 -37.99 11.31 -28.28
C GLU A 330 -37.99 9.91 -27.71
N TYR A 331 -37.24 9.65 -26.64
CA TYR A 331 -37.08 8.32 -26.11
C TYR A 331 -37.98 8.09 -24.91
N SER A 332 -38.06 6.82 -24.49
CA SER A 332 -38.94 6.40 -23.41
C SER A 332 -38.21 6.57 -22.08
N SER A 333 -38.71 7.48 -21.24
CA SER A 333 -38.10 7.71 -19.95
C SER A 333 -38.19 6.50 -19.03
N ALA A 334 -39.10 5.56 -19.31
CA ALA A 334 -39.18 4.35 -18.52
C ALA A 334 -38.10 3.34 -18.88
N GLY A 335 -37.41 3.52 -20.00
CA GLY A 335 -36.35 2.62 -20.41
C GLY A 335 -34.98 3.27 -20.43
N ILE A 336 -34.81 4.36 -19.71
CA ILE A 336 -33.53 5.05 -19.58
C ILE A 336 -33.18 5.08 -18.10
N PHE A 337 -32.00 4.56 -17.76
CA PHE A 337 -31.67 4.30 -16.36
C PHE A 337 -30.34 4.95 -15.99
N VAL A 338 -30.22 5.31 -14.72
CA VAL A 338 -29.04 5.96 -14.17
C VAL A 338 -28.47 5.04 -13.09
N LYS A 339 -27.21 4.66 -13.25
CA LYS A 339 -26.57 3.75 -12.30
C LYS A 339 -26.58 4.34 -10.89
N ASN A 340 -26.81 3.47 -9.90
CA ASN A 340 -26.86 3.91 -8.52
C ASN A 340 -25.46 4.02 -7.94
N GLY A 341 -25.22 5.09 -7.20
CA GLY A 341 -23.93 5.38 -6.63
C GLY A 341 -23.69 6.86 -6.46
N PRO A 342 -22.46 7.30 -6.66
CA PRO A 342 -22.19 8.75 -6.58
C PRO A 342 -22.96 9.55 -7.62
N ALA A 343 -23.16 8.99 -8.81
CA ALA A 343 -23.90 9.69 -9.86
C ALA A 343 -25.32 10.05 -9.43
N ILE A 344 -25.89 9.33 -8.45
CA ILE A 344 -27.20 9.70 -7.95
C ILE A 344 -27.11 10.98 -7.13
N SER A 345 -26.04 11.13 -6.34
CA SER A 345 -25.85 12.35 -5.57
C SER A 345 -25.68 13.55 -6.50
N THR A 346 -24.86 13.40 -7.54
CA THR A 346 -24.55 14.52 -8.43
C THR A 346 -25.80 14.95 -9.22
N ILE A 347 -26.42 14.00 -9.91
CA ILE A 347 -27.57 14.32 -10.75
C ILE A 347 -28.73 14.85 -9.92
N SER A 348 -28.82 14.42 -8.66
CA SER A 348 -29.84 15.00 -7.78
C SER A 348 -29.58 16.49 -7.56
N LYS A 349 -28.31 16.85 -7.34
CA LYS A 349 -27.95 18.26 -7.23
C LYS A 349 -28.13 19.01 -8.54
N ASP A 350 -28.00 18.32 -9.66
CA ASP A 350 -27.90 19.01 -10.94
C ASP A 350 -29.22 19.68 -11.31
N ILE A 351 -30.34 19.02 -11.04
CA ILE A 351 -31.65 19.45 -11.53
C ILE A 351 -32.49 20.11 -10.43
N PHE A 352 -32.59 19.49 -9.24
CA PHE A 352 -33.34 20.11 -8.14
C PHE A 352 -32.49 21.14 -7.39
N GLY A 353 -31.17 21.02 -7.46
CA GLY A 353 -30.30 21.77 -6.60
C GLY A 353 -30.03 21.14 -5.26
N GLU A 354 -30.43 19.87 -5.06
CA GLU A 354 -30.36 19.23 -3.76
C GLU A 354 -29.86 17.80 -3.90
N TRP A 355 -28.88 17.44 -3.07
CA TRP A 355 -28.30 16.10 -3.11
C TRP A 355 -29.31 15.03 -2.70
N ASN A 356 -30.06 15.27 -1.63
CA ASN A 356 -30.78 14.21 -0.95
C ASN A 356 -32.30 14.32 -1.06
N VAL A 357 -32.81 15.11 -2.00
CA VAL A 357 -34.25 15.11 -2.25
C VAL A 357 -34.65 13.88 -3.07
N ILE A 358 -33.80 13.49 -4.03
CA ILE A 358 -33.98 12.20 -4.69
C ILE A 358 -33.87 11.07 -3.67
N ARG A 359 -32.94 11.21 -2.72
CA ARG A 359 -32.90 10.34 -1.56
C ARG A 359 -34.24 10.34 -0.85
N ASP A 360 -34.80 11.52 -0.60
CA ASP A 360 -36.08 11.63 0.11
C ASP A 360 -37.22 11.00 -0.67
N LYS A 361 -37.28 11.24 -1.98
CA LYS A 361 -38.49 10.90 -2.73
C LYS A 361 -38.64 9.40 -2.94
N TRP A 362 -37.60 8.62 -2.66
CA TRP A 362 -37.79 7.19 -2.52
C TRP A 362 -37.75 6.75 -1.06
N ASN A 363 -37.19 7.58 -0.17
CA ASN A 363 -37.54 7.47 1.24
C ASN A 363 -39.03 7.73 1.43
N ALA A 364 -39.61 8.58 0.58
CA ALA A 364 -41.02 8.95 0.68
C ALA A 364 -41.93 7.72 0.66
N GLU A 365 -41.69 6.81 -0.29
CA GLU A 365 -42.44 5.54 -0.26
C GLU A 365 -41.97 4.67 0.90
N TYR A 366 -40.66 4.63 1.15
CA TYR A 366 -40.14 3.65 2.09
C TYR A 366 -40.36 4.08 3.55
N ASP A 367 -40.37 5.37 3.84
CA ASP A 367 -40.58 5.86 5.21
C ASP A 367 -41.96 5.47 5.72
N ALA A 375 -43.48 5.96 13.38
CA ALA A 375 -42.20 5.89 12.69
C ALA A 375 -41.04 5.89 13.69
N VAL A 376 -40.64 4.70 14.13
CA VAL A 376 -39.59 4.51 15.12
C VAL A 376 -38.45 3.72 14.46
N VAL A 377 -37.22 4.03 14.84
CA VAL A 377 -36.03 3.57 14.13
C VAL A 377 -35.15 2.78 15.09
N THR A 378 -35.35 1.47 15.14
CA THR A 378 -34.31 0.59 15.66
C THR A 378 -33.26 0.43 14.57
N GLU A 379 -31.98 0.56 14.93
CA GLU A 379 -30.94 0.55 13.89
C GLU A 379 -30.93 -0.77 13.12
N LYS A 380 -31.36 -1.86 13.75
CA LYS A 380 -31.54 -3.10 13.00
C LYS A 380 -32.53 -2.89 11.86
N TYR A 381 -33.57 -2.09 12.10
CA TYR A 381 -34.44 -1.64 11.01
C TYR A 381 -33.80 -0.54 10.20
N GLU A 382 -32.94 0.28 10.80
CA GLU A 382 -32.30 1.37 10.06
C GLU A 382 -31.23 0.86 9.12
N ASP A 383 -30.56 -0.24 9.48
CA ASP A 383 -29.65 -0.84 8.52
C ASP A 383 -30.43 -1.48 7.38
N ASP A 384 -31.33 -2.42 7.70
CA ASP A 384 -32.25 -2.96 6.69
C ASP A 384 -32.97 -1.85 5.93
N ARG A 385 -33.21 -0.70 6.58
CA ARG A 385 -33.41 0.52 5.83
C ARG A 385 -32.15 0.74 4.98
N ARG A 386 -31.18 1.47 5.52
CA ARG A 386 -29.96 1.89 4.81
C ARG A 386 -29.36 0.85 3.85
N LYS A 387 -29.65 -0.45 4.04
CA LYS A 387 -29.03 -1.49 3.22
C LYS A 387 -29.82 -1.81 1.96
N SER A 388 -31.11 -2.13 2.08
CA SER A 388 -31.94 -2.38 0.89
C SER A 388 -31.77 -1.26 -0.12
N PHE A 389 -31.78 -0.03 0.36
CA PHE A 389 -31.22 1.15 -0.27
C PHE A 389 -30.06 0.85 -1.23
N LYS A 390 -28.91 0.45 -0.67
CA LYS A 390 -27.72 0.19 -1.47
C LYS A 390 -27.95 -0.93 -2.49
N LYS A 391 -28.88 -1.85 -2.19
CA LYS A 391 -29.09 -3.01 -3.05
C LYS A 391 -29.54 -2.60 -4.45
N ILE A 392 -30.33 -1.53 -4.53
CA ILE A 392 -30.90 -1.13 -5.81
C ILE A 392 -29.78 -0.76 -6.78
N GLY A 393 -29.91 -1.24 -8.02
CA GLY A 393 -28.86 -1.04 -9.00
C GLY A 393 -28.95 0.26 -9.74
N SER A 394 -30.16 0.76 -9.98
CA SER A 394 -30.32 1.96 -10.80
C SER A 394 -31.73 2.51 -10.62
N PHE A 395 -32.00 3.62 -11.32
CA PHE A 395 -33.28 4.29 -11.31
C PHE A 395 -33.61 4.74 -12.73
N SER A 396 -34.87 4.57 -13.12
CA SER A 396 -35.29 5.03 -14.44
C SER A 396 -35.50 6.55 -14.42
N LEU A 397 -35.48 7.14 -15.61
CA LEU A 397 -35.89 8.54 -15.73
C LEU A 397 -37.35 8.72 -15.34
N GLU A 398 -38.16 7.67 -15.52
CA GLU A 398 -39.54 7.70 -15.06
C GLU A 398 -39.61 7.68 -13.54
N GLN A 399 -38.86 6.79 -12.90
CA GLN A 399 -38.78 6.80 -11.44
C GLN A 399 -38.29 8.15 -10.94
N LEU A 400 -37.27 8.71 -11.59
CA LEU A 400 -36.77 10.02 -11.19
C LEU A 400 -37.77 11.12 -11.48
N GLN A 401 -38.60 10.95 -12.52
CA GLN A 401 -39.68 11.89 -12.75
C GLN A 401 -40.82 11.71 -11.76
N GLU A 402 -41.05 10.47 -11.32
CA GLU A 402 -42.00 10.22 -10.24
C GLU A 402 -41.62 10.98 -8.98
N TYR A 403 -40.32 11.27 -8.82
CA TYR A 403 -39.80 12.08 -7.73
C TYR A 403 -39.90 13.56 -8.04
N ALA A 404 -39.89 13.93 -9.31
CA ALA A 404 -39.92 15.33 -9.72
C ALA A 404 -41.27 15.94 -9.40
N ASP A 405 -41.26 17.03 -8.65
CA ASP A 405 -42.48 17.78 -8.41
C ASP A 405 -43.06 18.27 -9.74
N ALA A 406 -44.38 18.40 -9.78
CA ALA A 406 -45.04 18.84 -11.00
C ALA A 406 -44.49 20.18 -11.47
N ASP A 407 -44.62 20.43 -12.77
CA ASP A 407 -44.14 21.59 -13.51
C ASP A 407 -42.63 21.49 -13.76
N LEU A 408 -41.98 20.42 -13.30
CA LEU A 408 -40.55 20.22 -13.49
C LEU A 408 -40.35 18.95 -14.30
N SER A 409 -39.63 19.08 -15.42
CA SER A 409 -39.35 17.95 -16.30
C SER A 409 -37.91 17.51 -16.08
N VAL A 410 -37.74 16.25 -15.68
CA VAL A 410 -36.41 15.74 -15.38
C VAL A 410 -35.59 15.57 -16.65
N VAL A 411 -36.22 15.09 -17.73
CA VAL A 411 -35.49 14.84 -18.97
C VAL A 411 -35.01 16.15 -19.60
N GLU A 412 -35.85 17.20 -19.55
CA GLU A 412 -35.53 18.44 -20.23
C GLU A 412 -34.37 19.17 -19.56
N LYS A 413 -34.37 19.25 -18.23
CA LYS A 413 -33.28 19.96 -17.56
C LYS A 413 -32.03 19.09 -17.47
N LEU A 414 -32.17 17.77 -17.62
CA LEU A 414 -31.00 16.93 -17.89
C LEU A 414 -30.42 17.25 -19.27
N LYS A 415 -31.29 17.54 -20.24
CA LYS A 415 -30.83 17.86 -21.59
C LYS A 415 -30.00 19.15 -21.59
N GLU A 416 -30.46 20.17 -20.85
CA GLU A 416 -29.73 21.43 -20.80
C GLU A 416 -28.43 21.31 -20.02
N ILE A 417 -28.29 20.30 -19.17
CA ILE A 417 -27.04 20.09 -18.45
C ILE A 417 -26.03 19.37 -19.34
N ILE A 418 -26.49 18.31 -20.02
CA ILE A 418 -25.59 17.56 -20.92
C ILE A 418 -25.15 18.45 -22.07
N ILE A 419 -26.10 19.16 -22.69
CA ILE A 419 -25.78 20.04 -23.81
C ILE A 419 -24.82 21.14 -23.36
N GLN A 420 -24.98 21.62 -22.13
CA GLN A 420 -24.05 22.60 -21.60
C GLN A 420 -22.63 22.05 -21.56
N LYS A 421 -22.48 20.77 -21.26
CA LYS A 421 -21.14 20.19 -21.15
C LYS A 421 -20.48 20.01 -22.51
N VAL A 422 -21.27 19.78 -23.57
CA VAL A 422 -20.67 19.67 -24.89
C VAL A 422 -20.30 21.05 -25.44
N ASP A 423 -21.07 22.09 -25.08
CA ASP A 423 -20.72 23.44 -25.51
C ASP A 423 -19.45 23.93 -24.83
N GLU A 424 -19.21 23.47 -23.60
CA GLU A 424 -17.97 23.81 -22.91
C GLU A 424 -16.78 23.12 -23.58
N ILE A 425 -16.99 21.92 -24.14
CA ILE A 425 -15.93 21.25 -24.89
C ILE A 425 -15.59 22.03 -26.15
N TYR A 426 -16.63 22.53 -26.84
CA TYR A 426 -16.40 23.23 -28.11
C TYR A 426 -15.74 24.58 -27.89
N LYS A 427 -16.06 25.27 -26.79
CA LYS A 427 -15.38 26.53 -26.49
C LYS A 427 -13.91 26.29 -26.16
N VAL A 428 -13.61 25.25 -25.38
CA VAL A 428 -12.24 24.94 -25.03
C VAL A 428 -11.46 24.47 -26.26
N TYR A 429 -12.16 23.88 -27.24
CA TYR A 429 -11.50 23.52 -28.50
C TYR A 429 -11.02 24.76 -29.24
N GLY A 430 -11.84 25.82 -29.26
CA GLY A 430 -11.44 27.03 -29.94
C GLY A 430 -10.27 27.73 -29.28
N SER A 431 -10.14 27.58 -27.97
CA SER A 431 -8.99 28.10 -27.24
C SER A 431 -7.74 27.25 -27.43
N SER A 432 -7.89 26.03 -27.95
CA SER A 432 -6.78 25.10 -28.18
C SER A 432 -6.52 24.85 -29.67
N GLU A 433 -7.10 25.67 -30.54
CA GLU A 433 -7.16 25.32 -31.95
C GLU A 433 -5.77 25.30 -32.60
N LYS A 434 -4.90 26.23 -32.20
CA LYS A 434 -3.56 26.26 -32.79
C LYS A 434 -2.71 25.06 -32.37
N LEU A 435 -3.11 24.34 -31.33
CA LEU A 435 -2.42 23.11 -30.99
C LEU A 435 -2.79 21.94 -31.91
N PHE A 436 -3.69 22.17 -32.86
CA PHE A 436 -4.07 21.14 -33.82
C PHE A 436 -3.68 21.50 -35.25
N ASP A 437 -2.93 22.58 -35.44
CA ASP A 437 -2.42 22.92 -36.76
C ASP A 437 -1.34 21.94 -37.16
N ALA A 438 -1.40 21.46 -38.41
CA ALA A 438 -0.28 20.67 -38.93
C ALA A 438 1.03 21.46 -38.92
N ASP A 439 0.94 22.79 -38.83
CA ASP A 439 2.11 23.66 -38.86
C ASP A 439 2.77 23.79 -37.50
N PHE A 440 2.14 23.32 -36.43
CA PHE A 440 2.63 23.62 -35.08
C PHE A 440 3.90 22.84 -34.78
N VAL A 441 4.88 23.54 -34.21
CA VAL A 441 6.08 22.93 -33.65
C VAL A 441 6.27 23.47 -32.24
N LEU A 442 6.94 22.67 -31.42
CA LEU A 442 7.06 22.95 -30.00
C LEU A 442 8.28 23.83 -29.74
N GLU A 443 8.05 25.00 -29.15
CA GLU A 443 9.15 25.91 -28.84
C GLU A 443 10.00 25.38 -27.69
N LYS A 444 9.35 24.94 -26.61
CA LYS A 444 10.04 24.53 -25.39
C LYS A 444 9.50 23.20 -24.90
N SER A 445 10.22 22.60 -23.96
CA SER A 445 9.77 21.35 -23.36
C SER A 445 8.50 21.57 -22.54
N LEU A 446 7.64 20.54 -22.50
CA LEU A 446 6.33 20.66 -21.87
C LEU A 446 6.43 21.12 -20.42
N LYS A 447 7.26 20.47 -19.62
CA LYS A 447 7.37 20.87 -18.21
C LYS A 447 7.84 22.30 -18.09
N LYS A 448 8.74 22.73 -18.98
CA LYS A 448 9.07 24.15 -19.09
C LYS A 448 7.90 24.97 -19.63
N ASN A 449 7.07 24.35 -20.47
CA ASN A 449 6.01 25.06 -21.20
C ASN A 449 4.70 24.91 -20.42
N ASP A 450 4.53 25.76 -19.40
CA ASP A 450 3.31 25.72 -18.60
C ASP A 450 2.09 26.05 -19.44
N ALA A 451 2.24 26.95 -20.42
CA ALA A 451 1.10 27.37 -21.23
C ALA A 451 0.53 26.19 -22.03
N VAL A 452 1.40 25.46 -22.74
CA VAL A 452 0.92 24.37 -23.58
C VAL A 452 0.32 23.25 -22.74
N VAL A 453 0.97 22.90 -21.63
CA VAL A 453 0.43 21.86 -20.75
C VAL A 453 -0.93 22.26 -20.22
N ALA A 454 -1.13 23.56 -19.94
CA ALA A 454 -2.42 24.02 -19.46
C ALA A 454 -3.49 23.93 -20.54
N ILE A 455 -3.11 24.11 -21.81
CA ILE A 455 -4.07 24.00 -22.90
C ILE A 455 -4.52 22.55 -23.09
N MET A 456 -3.56 21.62 -23.11
CA MET A 456 -3.90 20.20 -23.22
C MET A 456 -4.74 19.74 -22.05
N LYS A 457 -4.39 20.17 -20.83
CA LYS A 457 -5.14 19.77 -19.64
C LYS A 457 -6.57 20.26 -19.70
N ASP A 458 -6.76 21.54 -20.06
CA ASP A 458 -8.10 22.11 -20.10
C ASP A 458 -9.00 21.31 -21.04
N LEU A 459 -8.49 20.94 -22.20
CA LEU A 459 -9.29 20.18 -23.17
C LEU A 459 -9.54 18.76 -22.65
N LEU A 460 -8.50 18.10 -22.15
CA LEU A 460 -8.68 16.76 -21.60
C LEU A 460 -9.69 16.76 -20.46
N ASP A 461 -9.64 17.77 -19.59
CA ASP A 461 -10.57 17.84 -18.46
C ASP A 461 -12.01 17.97 -18.95
N SER A 462 -12.26 18.88 -19.90
CA SER A 462 -13.61 19.15 -20.35
C SER A 462 -14.23 17.94 -21.04
N VAL A 463 -13.41 17.08 -21.65
CA VAL A 463 -13.89 15.85 -22.27
C VAL A 463 -13.97 14.72 -21.26
N LYS A 464 -13.01 14.65 -20.34
CA LYS A 464 -13.05 13.63 -19.29
C LYS A 464 -14.27 13.82 -18.40
N SER A 465 -14.56 15.06 -18.02
CA SER A 465 -15.72 15.33 -17.18
C SER A 465 -17.01 15.02 -17.92
N PHE A 466 -17.09 15.35 -19.20
CA PHE A 466 -18.26 14.99 -20.00
C PHE A 466 -18.40 13.48 -20.13
N GLU A 467 -17.29 12.77 -20.32
CA GLU A 467 -17.32 11.32 -20.37
C GLU A 467 -17.81 10.74 -19.05
N ASN A 468 -17.19 11.15 -17.93
CA ASN A 468 -17.49 10.54 -16.65
C ASN A 468 -18.92 10.85 -16.20
N TYR A 469 -19.44 12.01 -16.60
CA TYR A 469 -20.83 12.35 -16.26
C TYR A 469 -21.82 11.52 -17.06
N ILE A 470 -21.55 11.32 -18.35
CA ILE A 470 -22.45 10.58 -19.22
C ILE A 470 -22.44 9.09 -18.89
N LYS A 471 -21.35 8.59 -18.30
CA LYS A 471 -21.24 7.19 -17.93
C LYS A 471 -22.37 6.73 -17.00
N ALA A 472 -23.06 7.67 -16.35
CA ALA A 472 -24.10 7.31 -15.39
C ALA A 472 -25.29 6.62 -16.06
N PHE A 473 -25.56 6.94 -17.32
CA PHE A 473 -26.73 6.42 -18.01
C PHE A 473 -26.53 4.97 -18.46
N PHE A 474 -26.14 4.10 -17.51
CA PHE A 474 -26.04 2.67 -17.77
C PHE A 474 -27.09 1.86 -17.03
N GLY A 475 -27.17 2.00 -15.71
CA GLY A 475 -28.02 1.14 -14.93
C GLY A 475 -27.50 -0.26 -14.74
N GLU A 476 -26.22 -0.50 -15.06
CA GLU A 476 -25.55 -1.81 -14.99
C GLU A 476 -26.45 -2.97 -15.41
N GLY A 477 -27.34 -2.72 -16.39
CA GLY A 477 -28.43 -3.63 -16.66
C GLY A 477 -28.06 -4.78 -17.59
N LYS A 478 -28.51 -6.00 -17.24
CA LYS A 478 -29.28 -6.39 -16.03
C LYS A 478 -30.56 -5.61 -15.73
N GLU A 479 -31.31 -5.24 -16.77
CA GLU A 479 -32.32 -4.20 -16.63
C GLU A 479 -33.53 -4.48 -17.48
N THR A 480 -34.71 -4.49 -16.83
CA THR A 480 -35.96 -4.66 -17.54
C THR A 480 -36.04 -3.72 -18.75
N ASN A 481 -36.78 -4.16 -19.78
CA ASN A 481 -36.78 -3.64 -21.14
C ASN A 481 -36.14 -2.26 -21.26
N ARG A 482 -35.02 -2.21 -21.97
CA ARG A 482 -34.26 -0.98 -22.13
C ARG A 482 -34.56 -0.38 -23.49
N ASP A 483 -34.52 0.95 -23.54
CA ASP A 483 -34.71 1.67 -24.81
C ASP A 483 -33.48 1.41 -25.67
N GLU A 484 -33.49 0.25 -26.33
CA GLU A 484 -32.38 -0.11 -27.20
C GLU A 484 -32.19 0.88 -28.35
N SER A 485 -33.24 1.60 -28.73
CA SER A 485 -33.08 2.66 -29.72
C SER A 485 -32.20 3.78 -29.18
N PHE A 486 -32.25 4.02 -27.88
CA PHE A 486 -31.34 5.00 -27.27
C PHE A 486 -29.98 4.39 -26.98
N TYR A 487 -29.96 3.16 -26.47
CA TYR A 487 -28.72 2.51 -26.08
C TYR A 487 -27.95 1.89 -27.23
N GLY A 488 -28.51 1.93 -28.44
CA GLY A 488 -27.74 1.60 -29.62
C GLY A 488 -26.79 2.72 -29.97
N ASP A 489 -27.35 3.91 -30.23
CA ASP A 489 -26.53 5.08 -30.52
C ASP A 489 -25.61 5.41 -29.36
N PHE A 490 -26.09 5.22 -28.14
CA PHE A 490 -25.31 5.62 -26.96
C PHE A 490 -24.09 4.73 -26.77
N VAL A 491 -24.27 3.40 -26.92
CA VAL A 491 -23.16 2.49 -26.71
C VAL A 491 -22.14 2.59 -27.85
N LEU A 492 -22.62 2.79 -29.08
CA LEU A 492 -21.71 2.94 -30.22
C LEU A 492 -20.79 4.12 -30.02
N ALA A 493 -21.30 5.24 -29.52
CA ALA A 493 -20.48 6.43 -29.38
C ALA A 493 -19.65 6.43 -28.10
N TYR A 494 -20.16 5.84 -27.02
CA TYR A 494 -19.45 5.92 -25.75
C TYR A 494 -18.20 5.04 -25.74
N ASP A 495 -18.26 3.86 -26.37
CA ASP A 495 -17.08 2.99 -26.41
C ASP A 495 -15.90 3.69 -27.08
N ILE A 496 -16.16 4.60 -28.02
CA ILE A 496 -15.11 5.43 -28.59
C ILE A 496 -14.66 6.47 -27.57
N LEU A 497 -15.61 7.18 -26.96
CA LEU A 497 -15.30 8.25 -26.02
C LEU A 497 -14.50 7.73 -24.83
N LEU A 498 -14.67 6.45 -24.47
CA LEU A 498 -13.97 5.90 -23.33
C LEU A 498 -12.45 5.90 -23.51
N LYS A 499 -11.97 6.04 -24.75
CA LYS A 499 -10.53 6.04 -25.01
C LYS A 499 -9.80 7.19 -24.33
N VAL A 500 -10.52 8.26 -23.96
CA VAL A 500 -9.87 9.42 -23.35
C VAL A 500 -9.34 9.10 -21.96
N ASP A 501 -9.82 8.04 -21.32
CA ASP A 501 -9.33 7.69 -19.98
C ASP A 501 -7.87 7.29 -20.03
N HIS A 502 -7.51 6.39 -20.96
CA HIS A 502 -6.12 5.99 -21.09
C HIS A 502 -5.24 7.16 -21.53
N ILE A 503 -5.76 8.00 -22.44
CA ILE A 503 -4.98 9.14 -22.92
C ILE A 503 -4.70 10.12 -21.78
N TYR A 504 -5.74 10.41 -20.99
CA TYR A 504 -5.60 11.35 -19.88
C TYR A 504 -4.52 10.90 -18.90
N ASP A 505 -4.57 9.63 -18.48
CA ASP A 505 -3.64 9.14 -17.48
C ASP A 505 -2.21 9.14 -17.98
N ALA A 506 -2.02 8.80 -19.26
CA ALA A 506 -0.66 8.73 -19.80
C ALA A 506 -0.02 10.10 -19.93
N ILE A 507 -0.79 11.10 -20.39
CA ILE A 507 -0.23 12.44 -20.57
C ILE A 507 0.10 13.08 -19.22
N ARG A 508 -0.76 12.87 -18.21
CA ARG A 508 -0.48 13.40 -16.89
C ARG A 508 0.77 12.75 -16.28
N ASN A 509 0.82 11.41 -16.29
CA ASN A 509 1.96 10.68 -15.74
C ASN A 509 3.27 11.17 -16.35
N TYR A 510 3.22 11.69 -17.58
CA TYR A 510 4.42 12.24 -18.22
C TYR A 510 4.74 13.63 -17.67
N VAL A 511 3.74 14.51 -17.57
CA VAL A 511 3.97 15.86 -17.08
C VAL A 511 4.38 15.83 -15.61
N THR A 512 3.83 14.90 -14.84
CA THR A 512 4.14 14.75 -13.43
C THR A 512 5.52 14.15 -13.18
N GLN A 513 6.16 13.57 -14.20
CA GLN A 513 7.47 12.97 -14.05
C GLN A 513 8.52 14.02 -13.69
N LYS A 514 9.66 13.56 -13.22
CA LYS A 514 10.82 14.39 -12.93
C LYS A 514 11.62 14.63 -14.21
N PRO A 515 12.41 15.71 -14.26
CA PRO A 515 13.20 15.96 -15.48
C PRO A 515 14.30 14.95 -15.68
N TYR A 516 14.99 14.55 -14.62
CA TYR A 516 16.04 13.57 -14.75
C TYR A 516 15.47 12.15 -14.83
N SER A 517 16.31 11.22 -15.27
CA SER A 517 15.95 9.82 -15.43
C SER A 517 16.84 8.95 -14.56
N LYS A 518 16.22 8.04 -13.83
CA LYS A 518 16.93 7.06 -13.01
C LYS A 518 17.34 5.83 -13.79
N ASP A 519 17.11 5.82 -15.11
CA ASP A 519 17.43 4.67 -15.93
C ASP A 519 18.90 4.31 -15.82
N LYS A 520 19.18 3.03 -15.66
CA LYS A 520 20.54 2.54 -15.48
C LYS A 520 20.63 1.13 -16.01
N PHE A 521 21.84 0.60 -16.09
CA PHE A 521 22.05 -0.78 -16.51
C PHE A 521 23.12 -1.43 -15.65
N LYS A 522 23.02 -2.74 -15.53
CA LYS A 522 23.92 -3.52 -14.69
C LYS A 522 25.27 -3.70 -15.38
N LEU A 523 26.34 -3.67 -14.58
CA LEU A 523 27.70 -3.92 -15.06
C LEU A 523 28.14 -5.31 -14.60
N TYR A 524 28.68 -6.09 -15.55
CA TYR A 524 29.16 -7.43 -15.25
C TYR A 524 30.68 -7.57 -15.29
N PHE A 525 31.38 -6.68 -15.98
CA PHE A 525 32.82 -6.85 -16.23
C PHE A 525 33.13 -8.24 -16.75
N GLN A 526 32.33 -8.70 -17.71
CA GLN A 526 32.50 -9.97 -18.42
C GLN A 526 32.47 -11.19 -17.50
N ASN A 527 31.80 -11.09 -16.35
CA ASN A 527 31.60 -12.25 -15.48
C ASN A 527 30.11 -12.46 -15.29
N PRO A 528 29.57 -13.63 -15.65
CA PRO A 528 28.15 -13.91 -15.36
C PRO A 528 27.83 -13.99 -13.88
N GLN A 529 28.79 -14.33 -13.02
CA GLN A 529 28.58 -14.31 -11.57
C GLN A 529 29.36 -13.17 -10.91
N PHE A 530 29.45 -12.03 -11.60
CA PHE A 530 30.24 -10.92 -11.10
C PHE A 530 29.77 -10.47 -9.72
N MET A 531 30.73 -10.33 -8.80
CA MET A 531 30.50 -9.80 -7.46
C MET A 531 29.39 -10.56 -6.75
N GLY A 532 29.27 -11.85 -7.05
CA GLY A 532 28.23 -12.65 -6.42
C GLY A 532 28.40 -12.77 -4.92
N GLY A 533 29.65 -12.85 -4.46
CA GLY A 533 29.95 -12.98 -3.06
C GLY A 533 31.27 -12.32 -2.74
N TRP A 534 31.62 -12.31 -1.45
CA TRP A 534 32.84 -11.68 -0.98
C TRP A 534 33.84 -12.65 -0.39
N ASP A 535 33.53 -13.95 -0.37
CA ASP A 535 34.42 -14.91 0.26
C ASP A 535 35.81 -14.83 -0.34
N LYS A 536 36.82 -14.90 0.51
CA LYS A 536 38.20 -14.77 0.08
C LYS A 536 38.56 -15.83 -0.96
N ASP A 537 38.10 -17.06 -0.75
CA ASP A 537 38.44 -18.15 -1.67
C ASP A 537 37.80 -17.93 -3.04
N LYS A 538 36.62 -17.31 -3.10
CA LYS A 538 35.94 -17.01 -4.35
C LYS A 538 36.29 -15.65 -4.92
N GLU A 539 37.29 -14.98 -4.35
CA GLU A 539 37.66 -13.65 -4.82
C GLU A 539 38.25 -13.70 -6.23
N THR A 540 38.94 -14.79 -6.58
CA THR A 540 39.42 -14.96 -7.95
C THR A 540 38.24 -15.10 -8.91
N ASP A 541 37.23 -15.88 -8.53
CA ASP A 541 36.12 -16.14 -9.44
C ASP A 541 35.21 -14.92 -9.59
N TYR A 542 35.03 -14.15 -8.51
CA TYR A 542 34.08 -13.04 -8.53
C TYR A 542 34.72 -11.74 -9.02
N ARG A 543 36.02 -11.58 -8.77
CA ARG A 543 36.82 -10.47 -9.31
C ARG A 543 36.38 -9.11 -8.77
N ALA A 544 35.86 -9.09 -7.55
CA ALA A 544 35.51 -7.85 -6.86
C ALA A 544 35.85 -8.01 -5.39
N THR A 545 36.37 -6.94 -4.79
CA THR A 545 36.75 -6.95 -3.39
C THR A 545 36.75 -5.52 -2.88
N ILE A 546 36.92 -5.37 -1.57
CA ILE A 546 36.76 -4.09 -0.89
C ILE A 546 38.07 -3.71 -0.23
N LEU A 547 38.49 -2.46 -0.42
CA LEU A 547 39.70 -1.92 0.19
C LEU A 547 39.36 -0.75 1.10
N ARG A 548 40.28 -0.46 2.03
CA ARG A 548 40.14 0.65 2.98
C ARG A 548 41.45 1.40 3.09
N TYR A 549 41.37 2.74 3.07
CA TYR A 549 42.51 3.63 3.28
C TYR A 549 42.04 4.77 4.18
N GLY A 550 42.36 4.68 5.46
CA GLY A 550 41.90 5.68 6.41
C GLY A 550 40.39 5.56 6.56
N SER A 551 39.70 6.66 6.26
CA SER A 551 38.25 6.69 6.34
C SER A 551 37.57 6.27 5.05
N LYS A 552 38.29 6.30 3.93
CA LYS A 552 37.68 6.00 2.64
C LYS A 552 37.66 4.50 2.38
N TYR A 553 36.67 4.08 1.57
CA TYR A 553 36.48 2.69 1.17
C TYR A 553 36.38 2.62 -0.35
N TYR A 554 36.87 1.51 -0.90
CA TYR A 554 37.00 1.35 -2.35
C TYR A 554 36.54 -0.03 -2.78
N LEU A 555 35.84 -0.09 -3.91
CA LEU A 555 35.57 -1.34 -4.60
C LEU A 555 36.64 -1.58 -5.66
N ALA A 556 37.34 -2.70 -5.56
CA ALA A 556 38.41 -3.05 -6.48
C ALA A 556 37.96 -4.22 -7.36
N ILE A 557 38.07 -4.03 -8.68
CA ILE A 557 37.64 -5.03 -9.66
C ILE A 557 38.86 -5.47 -10.45
N MET A 558 39.14 -6.77 -10.44
CA MET A 558 40.26 -7.32 -11.20
C MET A 558 39.82 -7.57 -12.63
N ASP A 559 40.65 -7.13 -13.58
CA ASP A 559 40.33 -7.32 -14.98
C ASP A 559 40.34 -8.81 -15.33
N LYS A 560 39.60 -9.15 -16.39
CA LYS A 560 39.49 -10.56 -16.78
C LYS A 560 40.85 -11.19 -17.03
N LYS A 561 41.73 -10.49 -17.74
CA LYS A 561 43.02 -11.07 -18.10
C LYS A 561 43.96 -11.22 -16.91
N TYR A 562 43.64 -10.56 -15.78
CA TYR A 562 44.49 -10.56 -14.60
C TYR A 562 43.63 -10.79 -13.36
N ALA A 563 43.04 -11.99 -13.27
CA ALA A 563 42.15 -12.28 -12.15
C ALA A 563 42.93 -12.45 -10.85
N LYS A 564 44.19 -12.84 -10.93
CA LYS A 564 44.99 -13.14 -9.75
C LYS A 564 45.90 -11.99 -9.34
N CYS A 565 45.72 -10.80 -9.93
CA CYS A 565 46.70 -9.73 -9.73
C CYS A 565 46.70 -9.23 -8.29
N LEU A 566 45.54 -9.18 -7.65
CA LEU A 566 45.50 -8.72 -6.26
C LEU A 566 46.04 -9.76 -5.29
N GLN A 567 46.08 -11.03 -5.70
CA GLN A 567 46.49 -12.09 -4.77
C GLN A 567 47.99 -12.09 -4.54
N LYS A 568 48.77 -11.65 -5.52
CA LYS A 568 50.23 -11.70 -5.39
C LYS A 568 50.77 -10.59 -4.51
N ILE A 569 50.00 -9.51 -4.32
CA ILE A 569 50.50 -8.35 -3.59
C ILE A 569 50.76 -8.72 -2.14
N ASP A 570 51.86 -8.19 -1.60
CA ASP A 570 52.21 -8.37 -0.20
C ASP A 570 52.27 -7.01 0.50
N LYS A 571 52.24 -7.06 1.83
CA LYS A 571 52.33 -5.83 2.62
C LYS A 571 53.66 -5.12 2.38
N ASP A 572 53.62 -3.80 2.40
CA ASP A 572 54.81 -2.97 2.22
C ASP A 572 55.10 -2.28 3.54
N ASP A 573 56.26 -2.59 4.13
CA ASP A 573 56.57 -2.09 5.47
C ASP A 573 56.88 -0.59 5.47
N VAL A 574 57.54 -0.10 4.42
CA VAL A 574 58.01 1.28 4.42
C VAL A 574 56.91 2.24 3.99
N ASN A 575 56.20 1.92 2.91
CA ASN A 575 55.23 2.83 2.31
C ASN A 575 53.81 2.52 2.78
N GLY A 576 52.90 3.44 2.46
CA GLY A 576 51.50 3.30 2.83
C GLY A 576 50.88 1.99 2.38
N ASN A 577 49.86 1.52 3.09
CA ASN A 577 49.26 0.22 2.82
C ASN A 577 47.74 0.37 2.74
N TYR A 578 47.16 -0.20 1.69
CA TYR A 578 45.71 -0.41 1.67
C TYR A 578 45.33 -1.51 2.65
N GLU A 579 44.12 -1.43 3.17
CA GLU A 579 43.55 -2.53 3.95
C GLU A 579 42.64 -3.34 3.03
N LYS A 580 43.03 -4.58 2.76
CA LYS A 580 42.27 -5.46 1.89
C LYS A 580 41.36 -6.35 2.74
N ILE A 581 40.11 -6.46 2.31
CA ILE A 581 39.12 -7.22 3.08
C ILE A 581 39.44 -8.71 3.03
N ASN A 582 39.36 -9.35 4.19
CA ASN A 582 39.43 -10.81 4.33
C ASN A 582 38.04 -11.23 4.80
N TYR A 583 37.25 -11.76 3.88
CA TYR A 583 35.86 -12.09 4.13
C TYR A 583 35.71 -13.60 3.96
N LYS A 584 35.25 -14.28 5.02
CA LYS A 584 35.01 -15.71 5.02
C LYS A 584 33.62 -15.97 5.56
N LEU A 585 32.81 -16.69 4.79
CA LEU A 585 31.43 -17.00 5.14
C LEU A 585 31.15 -18.46 4.85
N LEU A 586 30.47 -19.11 5.79
CA LEU A 586 29.91 -20.43 5.55
C LEU A 586 28.40 -20.26 5.45
N PRO A 587 27.83 -20.28 4.26
CA PRO A 587 26.41 -19.90 4.11
C PRO A 587 25.48 -21.10 4.16
N GLY A 588 24.38 -20.95 4.91
CA GLY A 588 23.37 -21.98 5.02
C GLY A 588 23.95 -23.34 5.34
N PRO A 589 24.41 -23.52 6.57
CA PRO A 589 25.12 -24.77 6.90
C PRO A 589 24.26 -26.01 6.71
N ASN A 590 22.97 -25.93 7.02
CA ASN A 590 22.06 -27.04 6.71
C ASN A 590 22.11 -27.39 5.24
N LYS A 591 22.39 -26.39 4.39
CA LYS A 591 22.42 -26.57 2.96
C LYS A 591 23.84 -26.92 2.49
N MET A 592 24.84 -26.32 3.14
CA MET A 592 26.24 -26.47 2.75
C MET A 592 26.88 -27.72 3.36
N LEU A 593 26.68 -27.93 4.66
CA LEU A 593 27.37 -29.03 5.34
C LEU A 593 27.19 -30.39 4.67
N PRO A 594 25.99 -30.81 4.23
CA PRO A 594 25.89 -32.11 3.56
C PRO A 594 26.59 -32.15 2.21
N LYS A 595 26.40 -31.11 1.40
CA LYS A 595 26.94 -31.17 0.04
C LYS A 595 28.45 -31.29 0.05
N VAL A 596 29.12 -30.64 0.99
CA VAL A 596 30.56 -30.73 1.04
C VAL A 596 31.00 -32.06 1.63
N PHE A 597 30.15 -32.70 2.44
CA PHE A 597 30.54 -33.95 3.08
C PHE A 597 29.95 -35.17 2.42
N PHE A 598 28.92 -35.02 1.58
CA PHE A 598 28.39 -36.10 0.75
C PHE A 598 28.72 -35.92 -0.72
N SER A 599 29.55 -34.95 -1.06
CA SER A 599 30.03 -34.84 -2.43
C SER A 599 30.86 -36.05 -2.81
N LYS A 600 30.85 -36.37 -4.11
CA LYS A 600 31.76 -37.38 -4.64
C LYS A 600 33.18 -37.17 -4.13
N LYS A 601 33.64 -35.91 -4.12
CA LYS A 601 35.04 -35.64 -3.81
C LYS A 601 35.37 -35.98 -2.37
N TRP A 602 34.46 -35.68 -1.44
CA TRP A 602 34.69 -35.97 -0.04
C TRP A 602 34.22 -37.36 0.36
N MET A 603 33.11 -37.82 -0.21
CA MET A 603 32.55 -39.12 0.19
C MET A 603 33.55 -40.23 -0.05
N ALA A 604 34.37 -40.11 -1.10
CA ALA A 604 35.44 -41.08 -1.32
C ALA A 604 36.55 -40.91 -0.28
N TYR A 605 36.92 -39.66 0.00
CA TYR A 605 37.94 -39.38 1.00
C TYR A 605 37.55 -39.94 2.35
N TYR A 606 36.33 -39.64 2.80
CA TYR A 606 35.88 -39.99 4.14
C TYR A 606 34.81 -41.06 4.04
N ASN A 607 35.13 -42.27 4.50
CA ASN A 607 34.17 -43.37 4.54
C ASN A 607 33.07 -43.06 5.54
N PRO A 608 31.85 -42.80 5.08
CA PRO A 608 30.74 -42.61 6.01
C PRO A 608 30.05 -43.93 6.31
N SER A 609 29.88 -44.27 7.59
CA SER A 609 29.23 -45.52 7.94
C SER A 609 27.84 -45.58 7.33
N GLU A 610 27.40 -46.80 7.00
CA GLU A 610 26.11 -46.95 6.35
C GLU A 610 24.98 -46.39 7.20
N ASP A 611 25.13 -46.39 8.53
CA ASP A 611 24.18 -45.70 9.39
C ASP A 611 24.07 -44.24 9.02
N ILE A 612 25.21 -43.60 8.72
CA ILE A 612 25.21 -42.17 8.44
C ILE A 612 24.50 -41.88 7.12
N GLN A 613 24.89 -42.56 6.04
CA GLN A 613 24.18 -42.32 4.78
C GLN A 613 22.75 -42.82 4.83
N LYS A 614 22.47 -43.84 5.65
CA LYS A 614 21.09 -44.22 5.92
C LYS A 614 20.32 -43.06 6.55
N ILE A 615 20.73 -42.64 7.74
CA ILE A 615 20.14 -41.53 8.48
C ILE A 615 19.83 -40.37 7.56
N TYR A 616 20.78 -40.03 6.67
CA TYR A 616 20.59 -38.90 5.77
C TYR A 616 19.58 -39.24 4.68
N LYS A 617 19.76 -40.39 4.03
CA LYS A 617 18.80 -40.84 3.03
C LYS A 617 17.47 -41.20 3.66
N ASN A 618 17.47 -41.69 4.90
CA ASN A 618 16.22 -42.00 5.59
C ASN A 618 15.53 -40.75 6.10
N GLY A 619 16.30 -39.70 6.41
CA GLY A 619 15.74 -38.50 7.01
C GLY A 619 15.43 -38.62 8.48
N THR A 620 16.10 -39.52 9.20
CA THR A 620 15.79 -39.73 10.60
C THR A 620 16.33 -38.59 11.47
N PHE A 621 17.34 -37.86 10.99
CA PHE A 621 17.88 -36.74 11.76
C PHE A 621 16.91 -35.57 11.77
N LYS A 622 16.11 -35.42 10.71
CA LYS A 622 15.18 -34.31 10.61
C LYS A 622 14.03 -34.48 11.59
N LYS A 623 13.60 -33.37 12.19
CA LYS A 623 12.52 -33.42 13.15
C LYS A 623 11.23 -33.92 12.50
N GLY A 624 10.50 -34.75 13.21
CA GLY A 624 9.28 -35.35 12.71
C GLY A 624 9.08 -36.72 13.33
N ASP A 625 8.12 -37.45 12.76
CA ASP A 625 7.87 -38.81 13.22
C ASP A 625 9.04 -39.73 12.89
N MET A 626 9.78 -39.41 11.82
CA MET A 626 10.98 -40.17 11.47
C MET A 626 12.16 -39.83 12.38
N PHE A 627 11.99 -38.87 13.29
CA PHE A 627 13.12 -38.33 14.05
C PHE A 627 13.48 -39.24 15.21
N ASN A 628 14.76 -39.61 15.27
CA ASN A 628 15.36 -40.22 16.44
C ASN A 628 16.49 -39.30 16.91
N LEU A 629 16.47 -38.95 18.19
CA LEU A 629 17.51 -38.06 18.73
C LEU A 629 18.89 -38.64 18.51
N ASN A 630 19.05 -39.94 18.81
CA ASN A 630 20.37 -40.57 18.69
C ASN A 630 20.85 -40.57 17.24
N ASP A 631 19.96 -40.87 16.30
CA ASP A 631 20.33 -40.83 14.89
C ASP A 631 20.85 -39.44 14.50
N CYS A 632 20.09 -38.40 14.86
CA CYS A 632 20.52 -37.03 14.57
C CYS A 632 21.83 -36.70 15.27
N HIS A 633 21.96 -37.14 16.53
CA HIS A 633 23.21 -36.93 17.25
C HIS A 633 24.40 -37.51 16.49
N LYS A 634 24.23 -38.75 15.98
CA LYS A 634 25.31 -39.39 15.23
C LYS A 634 25.71 -38.57 14.00
N LEU A 635 24.74 -37.90 13.36
CA LEU A 635 25.05 -37.09 12.19
C LEU A 635 25.86 -35.86 12.58
N ILE A 636 25.54 -35.25 13.73
CA ILE A 636 26.30 -34.10 14.20
C ILE A 636 27.78 -34.47 14.40
N ASP A 637 28.04 -35.57 15.11
CA ASP A 637 29.42 -35.97 15.35
C ASP A 637 30.13 -36.28 14.04
N PHE A 638 29.41 -36.84 13.07
CA PHE A 638 29.98 -37.04 11.74
C PHE A 638 30.38 -35.69 11.13
N PHE A 639 29.51 -34.68 11.23
CA PHE A 639 29.84 -33.36 10.73
C PHE A 639 31.00 -32.74 11.51
N LYS A 640 30.95 -32.84 12.84
CA LYS A 640 32.01 -32.25 13.67
C LYS A 640 33.37 -32.83 13.33
N ASP A 641 33.45 -34.15 13.16
CA ASP A 641 34.72 -34.77 12.79
C ASP A 641 35.14 -34.37 11.39
N SER A 642 34.20 -34.38 10.43
CA SER A 642 34.53 -34.02 9.06
C SER A 642 34.94 -32.55 8.94
N ILE A 643 34.40 -31.68 9.79
CA ILE A 643 34.85 -30.30 9.81
C ILE A 643 36.29 -30.22 10.30
N SER A 644 36.68 -31.10 11.23
CA SER A 644 38.07 -31.13 11.65
C SER A 644 38.97 -31.65 10.53
N ARG A 645 38.46 -32.57 9.71
CA ARG A 645 39.23 -33.06 8.57
C ARG A 645 39.16 -32.09 7.39
N TYR A 646 38.10 -31.30 7.30
CA TYR A 646 37.98 -30.23 6.31
C TYR A 646 38.63 -28.96 6.82
N PRO A 647 39.85 -28.66 6.37
CA PRO A 647 40.60 -27.56 6.98
C PRO A 647 40.29 -26.18 6.39
N LYS A 648 39.69 -26.15 5.18
CA LYS A 648 39.24 -24.87 4.64
C LYS A 648 38.20 -24.22 5.55
N TRP A 649 37.51 -25.02 6.35
CA TRP A 649 36.50 -24.50 7.28
C TRP A 649 37.03 -24.43 8.70
N SER A 650 37.72 -25.47 9.17
CA SER A 650 38.20 -25.50 10.54
C SER A 650 39.20 -24.38 10.79
N ASN A 651 40.08 -24.10 9.83
CA ASN A 651 41.08 -23.05 10.01
C ASN A 651 40.50 -21.66 9.86
N ALA A 652 39.44 -21.50 9.07
CA ALA A 652 38.85 -20.19 8.83
C ALA A 652 38.13 -19.68 10.06
N TYR A 653 37.28 -20.51 10.66
CA TYR A 653 36.44 -20.12 11.78
C TYR A 653 36.90 -20.86 13.03
N ASP A 654 37.11 -20.12 14.11
CA ASP A 654 37.48 -20.71 15.39
C ASP A 654 36.25 -21.40 15.96
N PHE A 655 35.98 -22.59 15.44
CA PHE A 655 34.79 -23.32 15.85
C PHE A 655 34.91 -23.78 17.31
N ASN A 656 33.83 -23.56 18.07
CA ASN A 656 33.73 -23.96 19.48
C ASN A 656 32.30 -24.46 19.68
N PHE A 657 32.07 -25.70 19.27
CA PHE A 657 30.71 -26.24 19.25
C PHE A 657 30.27 -26.68 20.64
N SER A 658 28.99 -26.49 20.94
CA SER A 658 28.45 -27.05 22.17
C SER A 658 28.52 -28.58 22.11
N GLU A 659 28.56 -29.19 23.29
CA GLU A 659 28.68 -30.65 23.34
C GLU A 659 27.49 -31.30 22.65
N THR A 660 27.75 -32.42 21.99
CA THR A 660 26.75 -33.02 21.11
C THR A 660 25.49 -33.41 21.88
N GLU A 661 25.66 -34.05 23.04
CA GLU A 661 24.52 -34.57 23.79
C GLU A 661 23.49 -33.50 24.14
N LYS A 662 23.86 -32.21 24.09
CA LYS A 662 22.93 -31.15 24.48
C LYS A 662 21.92 -30.84 23.39
N TYR A 663 22.27 -31.07 22.13
CA TYR A 663 21.47 -30.58 21.02
C TYR A 663 20.07 -31.20 21.04
N LYS A 664 19.05 -30.35 20.88
CA LYS A 664 17.68 -30.82 20.82
C LYS A 664 17.34 -31.39 19.44
N ASP A 665 17.85 -30.76 18.38
CA ASP A 665 17.59 -31.20 17.01
C ASP A 665 18.83 -30.92 16.17
N ILE A 666 18.71 -31.18 14.87
CA ILE A 666 19.85 -30.93 13.99
C ILE A 666 20.01 -29.43 13.76
N ALA A 667 18.90 -28.68 13.81
CA ALA A 667 18.98 -27.23 13.64
C ALA A 667 19.78 -26.56 14.76
N GLY A 668 19.81 -27.17 15.95
CA GLY A 668 20.63 -26.65 17.02
C GLY A 668 22.11 -26.69 16.69
N PHE A 669 22.56 -27.76 16.03
CA PHE A 669 23.95 -27.84 15.60
C PHE A 669 24.22 -26.90 14.44
N TYR A 670 23.31 -26.84 13.47
CA TYR A 670 23.44 -25.91 12.35
C TYR A 670 23.51 -24.46 12.82
N ARG A 671 22.62 -24.08 13.75
CA ARG A 671 22.56 -22.69 14.21
C ARG A 671 23.92 -22.20 14.67
N GLU A 672 24.66 -23.03 15.40
CA GLU A 672 26.00 -22.67 15.81
C GLU A 672 26.90 -22.50 14.59
N VAL A 673 26.92 -23.51 13.72
CA VAL A 673 27.76 -23.43 12.52
C VAL A 673 27.48 -22.17 11.73
N GLU A 674 26.21 -21.76 11.65
CA GLU A 674 25.88 -20.56 10.91
C GLU A 674 26.42 -19.31 11.59
N GLU A 675 26.31 -19.23 12.92
CA GLU A 675 26.80 -18.06 13.64
C GLU A 675 28.33 -18.02 13.64
N GLN A 676 28.97 -19.19 13.81
CA GLN A 676 30.43 -19.23 13.80
C GLN A 676 30.99 -19.10 12.40
N GLY A 677 30.20 -19.43 11.38
CA GLY A 677 30.68 -19.40 10.01
C GLY A 677 30.68 -18.01 9.37
N TYR A 678 31.26 -17.05 10.08
CA TYR A 678 31.36 -15.68 9.59
C TYR A 678 32.58 -15.01 10.20
N LYS A 679 33.40 -14.42 9.35
CA LYS A 679 34.57 -13.68 9.80
C LYS A 679 34.91 -12.59 8.78
N VAL A 680 35.20 -11.39 9.28
CA VAL A 680 35.64 -10.27 8.46
C VAL A 680 36.79 -9.57 9.18
N SER A 681 37.96 -9.56 8.55
CA SER A 681 39.12 -8.81 9.03
C SER A 681 39.81 -8.21 7.81
N PHE A 682 40.90 -7.48 8.05
CA PHE A 682 41.59 -6.79 6.97
C PHE A 682 43.06 -7.16 6.94
N GLU A 683 43.60 -7.23 5.73
CA GLU A 683 45.01 -7.48 5.48
C GLU A 683 45.63 -6.29 4.78
N SER A 684 46.88 -5.98 5.14
CA SER A 684 47.59 -4.89 4.48
C SER A 684 47.98 -5.29 3.07
N ALA A 685 48.09 -4.28 2.20
CA ALA A 685 48.52 -4.48 0.82
C ALA A 685 49.19 -3.21 0.33
N SER A 686 50.34 -3.37 -0.34
CA SER A 686 51.15 -2.23 -0.76
C SER A 686 50.32 -1.25 -1.59
N LYS A 687 50.31 0.02 -1.16
CA LYS A 687 49.56 1.03 -1.90
C LYS A 687 50.20 1.33 -3.25
N LYS A 688 51.53 1.27 -3.33
CA LYS A 688 52.22 1.50 -4.60
C LYS A 688 51.92 0.38 -5.59
N GLU A 689 52.00 -0.88 -5.13
CA GLU A 689 51.73 -2.01 -6.00
C GLU A 689 50.29 -2.00 -6.50
N VAL A 690 49.34 -1.72 -5.60
CA VAL A 690 47.93 -1.72 -5.98
C VAL A 690 47.66 -0.58 -6.97
N ASP A 691 48.20 0.60 -6.69
CA ASP A 691 47.96 1.74 -7.58
C ASP A 691 48.62 1.54 -8.94
N LYS A 692 49.71 0.78 -8.99
CA LYS A 692 50.30 0.41 -10.28
C LYS A 692 49.35 -0.51 -11.05
N LEU A 693 48.69 -1.44 -10.35
CA LEU A 693 47.73 -2.31 -11.01
C LEU A 693 46.59 -1.50 -11.63
N VAL A 694 46.12 -0.46 -10.93
CA VAL A 694 45.06 0.38 -11.45
C VAL A 694 45.54 1.16 -12.67
N GLU A 695 46.76 1.70 -12.59
CA GLU A 695 47.31 2.46 -13.71
C GLU A 695 47.45 1.58 -14.95
N GLU A 696 48.00 0.37 -14.78
CA GLU A 696 48.22 -0.57 -15.87
C GLU A 696 46.93 -1.11 -16.47
N GLY A 697 45.77 -0.75 -15.95
CA GLY A 697 44.51 -1.29 -16.43
C GLY A 697 44.18 -2.67 -15.91
N LYS A 698 45.03 -3.26 -15.06
CA LYS A 698 44.80 -4.59 -14.53
C LYS A 698 43.71 -4.59 -13.46
N LEU A 699 43.48 -3.47 -12.80
CA LEU A 699 42.52 -3.33 -11.72
C LEU A 699 41.71 -2.06 -11.91
N TYR A 700 40.42 -2.12 -11.61
CA TYR A 700 39.55 -0.95 -11.64
C TYR A 700 39.12 -0.61 -10.22
N MET A 701 39.21 0.67 -9.86
CA MET A 701 39.01 1.10 -8.48
C MET A 701 37.98 2.23 -8.45
N PHE A 702 36.96 2.07 -7.62
CA PHE A 702 35.97 3.11 -7.36
C PHE A 702 35.93 3.39 -5.86
N GLN A 703 35.93 4.67 -5.50
CA GLN A 703 35.70 5.02 -4.11
C GLN A 703 34.23 4.79 -3.77
N ILE A 704 33.98 4.00 -2.73
CA ILE A 704 32.62 3.85 -2.22
C ILE A 704 32.27 5.14 -1.49
N TYR A 705 31.26 5.85 -2.00
CA TYR A 705 31.07 7.26 -1.65
C TYR A 705 29.60 7.63 -1.49
N ASN A 706 29.30 8.33 -0.41
CA ASN A 706 28.17 9.24 -0.31
C ASN A 706 28.68 10.54 0.31
N LYS A 707 27.79 11.51 0.52
CA LYS A 707 28.27 12.82 0.94
C LYS A 707 28.85 12.82 2.35
N ASP A 708 28.63 11.76 3.14
CA ASP A 708 29.21 11.70 4.48
C ASP A 708 30.70 11.39 4.46
N PHE A 709 31.24 10.90 3.34
CA PHE A 709 32.67 10.64 3.19
C PHE A 709 33.45 11.83 2.64
N SER A 710 32.78 12.94 2.36
CA SER A 710 33.47 14.13 1.85
C SER A 710 34.35 14.73 2.94
N ASP A 711 35.48 15.31 2.51
CA ASP A 711 36.33 16.04 3.43
C ASP A 711 35.55 17.17 4.12
N LYS A 712 34.68 17.84 3.37
CA LYS A 712 33.93 18.97 3.90
C LYS A 712 32.81 18.53 4.84
N SER A 713 32.45 17.26 4.86
CA SER A 713 31.32 16.81 5.64
C SER A 713 31.60 16.94 7.13
N HIS A 714 30.54 17.27 7.88
CA HIS A 714 30.62 17.50 9.32
C HIS A 714 29.21 17.37 9.88
N GLY A 715 29.12 16.86 11.10
CA GLY A 715 27.82 16.62 11.71
C GLY A 715 27.29 15.24 11.40
N THR A 716 26.06 15.01 11.82
CA THR A 716 25.50 13.66 11.86
C THR A 716 25.47 13.03 10.47
N PRO A 717 25.97 11.81 10.31
CA PRO A 717 25.92 11.13 9.01
C PRO A 717 24.56 10.48 8.78
N ASN A 718 24.40 9.94 7.57
CA ASN A 718 23.22 9.14 7.27
C ASN A 718 23.24 7.86 8.09
N LEU A 719 22.04 7.34 8.38
CA LEU A 719 21.96 6.07 9.10
C LEU A 719 22.56 4.93 8.28
N HIS A 720 22.47 5.02 6.94
CA HIS A 720 23.06 3.99 6.11
C HIS A 720 24.57 4.10 6.03
N THR A 721 25.13 5.30 6.26
CA THR A 721 26.58 5.40 6.36
C THR A 721 27.08 4.70 7.62
N MET A 722 26.31 4.81 8.71
CA MET A 722 26.69 4.14 9.95
C MET A 722 26.61 2.62 9.80
N TYR A 723 25.54 2.12 9.18
CA TYR A 723 25.41 0.70 8.90
C TYR A 723 26.62 0.18 8.11
N PHE A 724 27.05 0.95 7.10
CA PHE A 724 28.16 0.51 6.27
C PHE A 724 29.46 0.44 7.05
N LYS A 725 29.81 1.52 7.75
CA LYS A 725 31.06 1.52 8.52
C LYS A 725 31.04 0.47 9.61
N LEU A 726 29.86 0.16 10.16
CA LEU A 726 29.77 -0.83 11.22
C LEU A 726 29.97 -2.26 10.70
N LEU A 727 29.80 -2.48 9.40
CA LEU A 727 30.09 -3.80 8.85
C LEU A 727 31.54 -4.21 9.13
N PHE A 728 32.43 -3.23 9.26
CA PHE A 728 33.85 -3.49 9.43
C PHE A 728 34.34 -3.09 10.81
N ASP A 729 33.44 -2.71 11.71
CA ASP A 729 33.79 -2.33 13.06
C ASP A 729 33.93 -3.59 13.92
N GLU A 730 35.03 -3.68 14.67
CA GLU A 730 35.23 -4.87 15.49
C GLU A 730 34.29 -4.92 16.69
N ASN A 731 33.58 -3.82 16.99
CA ASN A 731 32.51 -3.86 17.98
C ASN A 731 31.25 -4.52 17.42
N ASN A 732 31.18 -4.75 16.12
CA ASN A 732 30.09 -5.49 15.49
C ASN A 732 30.47 -6.97 15.43
N HIS A 733 29.62 -7.82 16.01
CA HIS A 733 29.93 -9.23 16.18
C HIS A 733 28.79 -10.04 15.57
N GLY A 734 28.67 -9.98 14.25
CA GLY A 734 27.58 -10.63 13.56
C GLY A 734 26.23 -9.97 13.69
N GLN A 735 26.14 -8.85 14.41
CA GLN A 735 24.88 -8.10 14.46
C GLN A 735 24.48 -7.64 13.06
N ILE A 736 25.41 -7.04 12.33
CA ILE A 736 25.20 -6.68 10.93
C ILE A 736 26.30 -7.34 10.11
N ARG A 737 25.94 -8.31 9.28
CA ARG A 737 26.87 -8.98 8.39
C ARG A 737 26.84 -8.33 7.01
N LEU A 738 27.99 -8.36 6.33
CA LEU A 738 28.07 -7.96 4.94
C LEU A 738 27.65 -9.13 4.07
N SER A 739 26.60 -8.94 3.29
CA SER A 739 26.01 -10.01 2.49
C SER A 739 26.54 -9.96 1.06
N GLY A 740 26.45 -11.10 0.39
CA GLY A 740 26.77 -11.17 -1.02
C GLY A 740 25.65 -10.62 -1.88
N GLY A 741 25.81 -10.80 -3.18
CA GLY A 741 24.80 -10.34 -4.11
C GLY A 741 24.81 -8.85 -4.38
N ALA A 742 25.93 -8.17 -4.16
CA ALA A 742 26.05 -6.77 -4.51
C ALA A 742 26.02 -6.60 -6.02
N GLU A 743 25.49 -5.45 -6.46
CA GLU A 743 25.39 -5.15 -7.87
C GLU A 743 25.98 -3.77 -8.15
N LEU A 744 26.37 -3.55 -9.41
CA LEU A 744 27.01 -2.32 -9.83
C LEU A 744 26.31 -1.82 -11.09
N PHE A 745 25.90 -0.56 -11.09
CA PHE A 745 25.12 0.01 -12.18
C PHE A 745 25.75 1.28 -12.72
N MET A 746 25.54 1.50 -14.01
CA MET A 746 25.82 2.77 -14.68
C MET A 746 24.50 3.46 -14.99
N ARG A 747 24.32 4.66 -14.44
CA ARG A 747 23.18 5.51 -14.76
C ARG A 747 23.71 6.67 -15.59
N ARG A 748 23.46 6.64 -16.89
CA ARG A 748 23.92 7.71 -17.76
C ARG A 748 23.29 9.04 -17.38
N ALA A 749 24.01 10.12 -17.68
CA ALA A 749 23.49 11.45 -17.38
C ALA A 749 22.18 11.67 -18.11
N SER A 750 21.23 12.30 -17.42
CA SER A 750 19.94 12.61 -18.01
C SER A 750 19.74 14.10 -18.24
N LEU A 751 20.68 14.93 -17.82
CA LEU A 751 20.60 16.38 -18.02
C LEU A 751 21.93 16.87 -18.58
N LYS A 752 21.87 17.97 -19.31
CA LYS A 752 23.05 18.62 -19.85
C LYS A 752 23.46 19.76 -18.93
N LYS A 753 24.78 19.89 -18.70
CA LYS A 753 25.28 20.89 -17.77
C LYS A 753 24.86 22.31 -18.16
N GLU A 754 24.83 22.59 -19.46
CA GLU A 754 24.46 23.92 -19.93
C GLU A 754 23.01 24.25 -19.61
N GLU A 755 22.17 23.25 -19.41
CA GLU A 755 20.75 23.44 -19.16
C GLU A 755 20.41 23.39 -17.69
N LEU A 756 21.41 23.38 -16.82
CA LEU A 756 21.18 23.30 -15.37
C LEU A 756 20.92 24.68 -14.79
N VAL A 757 19.96 24.75 -13.87
CA VAL A 757 19.70 26.00 -13.17
C VAL A 757 20.88 26.29 -12.25
N VAL A 758 21.49 27.45 -12.41
CA VAL A 758 22.68 27.85 -11.66
C VAL A 758 22.33 29.02 -10.77
N HIS A 759 22.93 29.05 -9.58
CA HIS A 759 23.00 30.25 -8.76
C HIS A 759 24.46 30.68 -8.75
N PRO A 760 24.84 31.68 -9.54
CA PRO A 760 26.27 31.97 -9.73
C PRO A 760 26.93 32.40 -8.42
N ALA A 761 28.21 32.08 -8.30
CA ALA A 761 28.96 32.38 -7.09
C ALA A 761 28.99 33.87 -6.82
N ASN A 762 29.17 34.21 -5.54
CA ASN A 762 29.39 35.58 -5.09
C ASN A 762 28.15 36.43 -5.34
N SER A 763 27.08 35.81 -5.83
CA SER A 763 25.79 36.46 -5.89
C SER A 763 24.87 35.85 -4.85
N PRO A 764 24.11 36.67 -4.12
CA PRO A 764 23.37 36.15 -2.97
C PRO A 764 22.10 35.40 -3.35
N ILE A 765 21.89 34.26 -2.71
CA ILE A 765 20.75 33.38 -2.97
C ILE A 765 19.74 33.56 -1.85
N ALA A 766 18.47 33.73 -2.22
CA ALA A 766 17.42 33.93 -1.24
C ALA A 766 17.03 32.60 -0.60
N ASN A 767 16.94 32.59 0.72
CA ASN A 767 16.56 31.37 1.44
C ASN A 767 15.04 31.23 1.46
N LYS A 768 14.59 29.97 1.41
CA LYS A 768 13.17 29.67 1.22
C LYS A 768 12.39 29.63 2.53
N ASN A 769 13.06 29.41 3.66
CA ASN A 769 12.36 29.20 4.93
C ASN A 769 11.99 30.55 5.55
N PRO A 770 10.71 30.79 5.86
CA PRO A 770 10.37 32.05 6.54
C PRO A 770 10.91 32.10 7.96
N ASP A 771 10.91 30.97 8.66
CA ASP A 771 11.34 30.94 10.06
C ASP A 771 12.84 31.15 10.20
N ASN A 772 13.61 30.78 9.18
CA ASN A 772 15.06 30.92 9.25
C ASN A 772 15.40 32.40 9.38
N PRO A 773 16.19 32.79 10.39
CA PRO A 773 16.54 34.22 10.53
C PRO A 773 17.37 34.74 9.37
N LYS A 774 18.29 33.93 8.86
CA LYS A 774 19.16 34.35 7.77
C LYS A 774 18.38 34.27 6.47
N LYS A 775 18.13 35.43 5.86
CA LYS A 775 17.27 35.52 4.68
C LYS A 775 18.03 35.24 3.39
N THR A 776 19.36 35.17 3.43
CA THR A 776 20.13 35.16 2.20
C THR A 776 21.52 34.59 2.46
N THR A 777 22.02 33.83 1.48
CA THR A 777 23.32 33.17 1.55
C THR A 777 24.13 33.51 0.30
N THR A 778 25.43 33.72 0.51
CA THR A 778 26.37 33.97 -0.58
C THR A 778 27.55 33.03 -0.47
N LEU A 779 27.84 32.30 -1.54
CA LEU A 779 28.95 31.36 -1.59
C LEU A 779 30.02 31.88 -2.54
N SER A 780 31.20 31.27 -2.45
CA SER A 780 32.31 31.55 -3.36
C SER A 780 32.38 30.57 -4.52
N TYR A 781 31.40 29.66 -4.63
CA TYR A 781 31.40 28.66 -5.69
C TYR A 781 29.99 28.55 -6.26
N ASP A 782 29.90 28.01 -7.47
CA ASP A 782 28.62 27.81 -8.13
C ASP A 782 27.91 26.60 -7.55
N VAL A 783 26.57 26.62 -7.63
CA VAL A 783 25.72 25.50 -7.26
C VAL A 783 24.72 25.27 -8.37
N TYR A 784 24.46 24.00 -8.68
CA TYR A 784 23.66 23.61 -9.83
C TYR A 784 22.52 22.71 -9.39
N LYS A 785 21.31 23.00 -9.86
CA LYS A 785 20.17 22.14 -9.57
C LYS A 785 20.33 20.79 -10.25
N ASP A 786 20.12 19.72 -9.47
CA ASP A 786 20.16 18.35 -9.99
C ASP A 786 21.51 18.05 -10.66
N LYS A 787 22.60 18.48 -10.02
CA LYS A 787 23.92 18.30 -10.62
C LYS A 787 24.27 16.82 -10.77
N ARG A 788 23.76 15.97 -9.88
CA ARG A 788 24.12 14.55 -9.90
C ARG A 788 23.58 13.82 -11.12
N PHE A 789 22.64 14.41 -11.84
CA PHE A 789 22.10 13.79 -13.03
C PHE A 789 22.66 14.39 -14.31
N SER A 790 23.51 15.40 -14.20
CA SER A 790 24.19 15.98 -15.35
C SER A 790 25.46 15.23 -15.72
N GLU A 791 25.78 14.15 -15.02
CA GLU A 791 26.99 13.38 -15.24
C GLU A 791 26.66 11.90 -15.14
N ASP A 792 27.37 11.10 -15.93
CA ASP A 792 27.30 9.66 -15.74
C ASP A 792 27.70 9.32 -14.31
N GLN A 793 27.00 8.36 -13.72
CA GLN A 793 27.22 7.98 -12.33
C GLN A 793 27.12 6.48 -12.16
N TYR A 794 28.20 5.87 -11.69
CA TYR A 794 28.11 4.52 -11.15
C TYR A 794 27.42 4.57 -9.79
N GLU A 795 26.63 3.53 -9.49
CA GLU A 795 26.07 3.37 -8.16
C GLU A 795 26.22 1.91 -7.73
N LEU A 796 26.60 1.71 -6.47
CA LEU A 796 26.87 0.40 -5.92
C LEU A 796 25.78 0.05 -4.91
N HIS A 797 25.13 -1.08 -5.12
CA HIS A 797 24.12 -1.59 -4.18
C HIS A 797 24.74 -2.73 -3.37
N ILE A 798 24.67 -2.61 -2.05
CA ILE A 798 25.31 -3.56 -1.14
C ILE A 798 24.25 -4.15 -0.22
N PRO A 799 24.00 -5.46 -0.28
CA PRO A 799 23.08 -6.09 0.68
C PRO A 799 23.77 -6.37 2.01
N ILE A 800 23.00 -6.20 3.10
CA ILE A 800 23.48 -6.49 4.43
C ILE A 800 22.46 -7.38 5.12
N ALA A 801 22.90 -8.06 6.18
CA ALA A 801 22.05 -8.97 6.94
C ALA A 801 22.10 -8.58 8.40
N ILE A 802 20.95 -8.18 8.94
CA ILE A 802 20.83 -7.73 10.33
C ILE A 802 20.26 -8.86 11.16
N ASN A 803 20.87 -9.11 12.33
CA ASN A 803 20.39 -10.09 13.30
C ASN A 803 20.26 -11.47 12.66
N LYS A 804 21.27 -11.86 11.87
CA LYS A 804 21.22 -13.10 11.12
C LYS A 804 21.02 -14.31 12.03
N CYS A 805 21.46 -14.24 13.28
CA CYS A 805 21.26 -15.31 14.27
C CYS A 805 20.53 -14.72 15.47
N PRO A 806 19.21 -14.61 15.39
CA PRO A 806 18.46 -14.02 16.50
C PRO A 806 18.34 -14.99 17.68
N LYS A 807 18.55 -14.45 18.88
CA LYS A 807 18.52 -15.23 20.10
C LYS A 807 17.27 -15.00 20.94
N ASN A 808 16.59 -13.87 20.76
CA ASN A 808 15.43 -13.53 21.58
C ASN A 808 14.15 -13.94 20.86
N ILE A 809 13.94 -15.25 20.78
CA ILE A 809 12.84 -15.83 20.01
C ILE A 809 11.58 -15.86 20.86
N PHE A 810 10.61 -15.03 20.50
CA PHE A 810 9.25 -15.10 21.03
C PHE A 810 8.32 -14.45 20.01
N LYS A 811 7.04 -14.79 20.09
CA LYS A 811 6.06 -14.04 19.31
C LYS A 811 5.95 -12.62 19.87
N ILE A 812 6.12 -11.62 19.00
CA ILE A 812 6.29 -10.26 19.48
C ILE A 812 5.00 -9.75 20.11
N ASN A 813 3.86 -10.01 19.49
CA ASN A 813 2.59 -9.53 20.04
C ASN A 813 2.31 -10.14 21.42
N THR A 814 2.58 -11.44 21.58
CA THR A 814 2.34 -12.06 22.89
C THR A 814 3.20 -11.43 23.97
N GLU A 815 4.47 -11.13 23.65
CA GLU A 815 5.34 -10.49 24.63
C GLU A 815 4.90 -9.06 24.94
N VAL A 816 4.49 -8.31 23.91
CA VAL A 816 3.97 -6.97 24.15
C VAL A 816 2.74 -7.03 25.03
N ARG A 817 1.91 -8.06 24.88
CA ARG A 817 0.72 -8.17 25.73
C ARG A 817 1.09 -8.56 27.16
N VAL A 818 2.10 -9.42 27.33
CA VAL A 818 2.55 -9.79 28.66
C VAL A 818 3.13 -8.59 29.39
N LEU A 819 4.06 -7.89 28.74
CA LEU A 819 4.67 -6.72 29.36
C LEU A 819 3.62 -5.64 29.63
N LEU A 820 2.73 -5.40 28.67
CA LEU A 820 1.71 -4.35 28.84
C LEU A 820 0.80 -4.64 30.03
N LYS A 821 0.40 -5.90 30.20
CA LYS A 821 -0.42 -6.27 31.36
C LYS A 821 0.31 -5.99 32.67
N HIS A 822 1.49 -6.57 32.83
CA HIS A 822 2.21 -6.43 34.08
C HIS A 822 2.91 -5.09 34.24
N ASP A 823 3.09 -4.32 33.16
CA ASP A 823 3.63 -2.98 33.30
C ASP A 823 2.65 -2.14 34.11
N ASP A 824 3.17 -1.44 35.11
CA ASP A 824 2.29 -0.78 36.06
C ASP A 824 1.71 0.51 35.49
N ASN A 825 2.52 1.31 34.82
CA ASN A 825 2.13 2.62 34.29
C ASN A 825 2.37 2.64 32.78
N PRO A 826 1.50 2.01 32.00
CA PRO A 826 1.72 1.95 30.55
C PRO A 826 1.52 3.31 29.90
N TYR A 827 2.53 3.75 29.14
CA TYR A 827 2.46 4.99 28.39
C TYR A 827 2.03 4.69 26.96
N VAL A 828 1.10 5.49 26.45
CA VAL A 828 0.51 5.28 25.13
C VAL A 828 0.67 6.55 24.31
N ILE A 829 1.19 6.40 23.10
CA ILE A 829 1.37 7.51 22.18
C ILE A 829 0.23 7.50 21.18
N GLY A 830 -0.67 8.46 21.29
CA GLY A 830 -1.77 8.59 20.35
C GLY A 830 -1.40 9.54 19.22
N ILE A 831 -1.74 9.12 18.00
CA ILE A 831 -1.52 9.90 16.79
C ILE A 831 -2.85 10.03 16.06
N ASP A 832 -3.19 11.25 15.66
CA ASP A 832 -4.43 11.51 14.94
C ASP A 832 -4.18 12.50 13.82
N ARG A 833 -5.06 12.45 12.82
CA ARG A 833 -5.03 13.37 11.69
C ARG A 833 -6.04 14.49 11.94
N GLY A 834 -5.55 15.73 11.91
CA GLY A 834 -6.44 16.86 12.16
C GLY A 834 -6.72 17.69 10.93
N GLU A 835 -7.82 18.46 10.98
CA GLU A 835 -8.13 19.37 9.90
C GLU A 835 -7.22 20.59 9.94
N ARG A 836 -6.98 21.12 11.14
CA ARG A 836 -6.09 22.25 11.36
C ARG A 836 -4.66 21.81 11.61
N ASN A 837 -4.41 20.51 11.78
CA ASN A 837 -3.09 20.02 12.13
C ASN A 837 -2.81 18.76 11.32
N LEU A 838 -1.70 18.78 10.57
CA LEU A 838 -1.30 17.60 9.81
C LEU A 838 -1.39 16.34 10.66
N LEU A 839 -0.63 16.31 11.74
CA LEU A 839 -0.68 15.28 12.76
C LEU A 839 -0.71 15.94 14.13
N TYR A 840 -1.29 15.25 15.11
CA TYR A 840 -1.32 15.77 16.47
C TYR A 840 -1.01 14.63 17.45
N ILE A 841 -0.19 14.92 18.45
CA ILE A 841 0.35 13.92 19.37
C ILE A 841 -0.22 14.16 20.75
N VAL A 842 -0.66 13.09 21.41
CA VAL A 842 -1.03 13.07 22.82
C VAL A 842 -0.39 11.83 23.44
N VAL A 843 0.47 12.03 24.42
CA VAL A 843 1.03 10.95 25.23
C VAL A 843 0.23 10.87 26.52
N VAL A 844 -0.03 9.66 26.99
CA VAL A 844 -0.97 9.43 28.08
C VAL A 844 -0.43 8.32 28.98
N ASP A 845 -0.50 8.52 30.29
CA ASP A 845 -0.02 7.54 31.25
C ASP A 845 -1.03 6.42 31.42
N GLY A 846 -0.72 5.47 32.31
CA GLY A 846 -1.56 4.31 32.52
C GLY A 846 -2.94 4.58 33.08
N LYS A 847 -3.30 5.85 33.35
CA LYS A 847 -4.61 6.15 33.91
C LYS A 847 -5.33 7.25 33.14
N GLY A 848 -4.87 7.58 31.93
CA GLY A 848 -5.57 8.54 31.09
C GLY A 848 -5.12 9.97 31.25
N ASN A 849 -4.23 10.27 32.20
CA ASN A 849 -3.72 11.63 32.35
C ASN A 849 -2.84 11.99 31.16
N ILE A 850 -2.97 13.23 30.69
CA ILE A 850 -2.18 13.69 29.54
C ILE A 850 -0.82 14.13 30.03
N VAL A 851 0.23 13.54 29.46
CA VAL A 851 1.62 13.88 29.78
C VAL A 851 2.18 14.90 28.81
N GLU A 852 1.94 14.69 27.51
CA GLU A 852 2.38 15.62 26.47
C GLU A 852 1.26 15.75 25.45
N GLN A 853 1.11 16.95 24.89
CA GLN A 853 0.16 17.17 23.80
C GLN A 853 0.62 18.37 23.00
N TYR A 854 0.82 18.17 21.70
CA TYR A 854 1.27 19.24 20.81
C TYR A 854 1.04 18.81 19.38
N SER A 855 0.95 19.81 18.51
CA SER A 855 0.82 19.59 17.08
C SER A 855 2.17 19.24 16.47
N LEU A 856 2.13 18.43 15.41
CA LEU A 856 3.30 18.15 14.59
C LEU A 856 3.30 18.96 13.30
N ASN A 857 2.66 20.13 13.32
CA ASN A 857 2.67 21.00 12.14
C ASN A 857 4.08 21.49 11.84
N GLU A 858 4.88 21.72 12.88
CA GLU A 858 6.27 22.12 12.71
C GLU A 858 7.22 21.01 13.16
N ILE A 859 8.13 20.64 12.25
CA ILE A 859 9.24 19.75 12.54
C ILE A 859 10.44 20.60 12.97
N ILE A 860 10.96 20.31 14.16
CA ILE A 860 12.11 21.04 14.70
C ILE A 860 13.37 20.22 14.45
N ASN A 861 14.28 20.76 13.66
CA ASN A 861 15.52 20.08 13.31
C ASN A 861 16.67 20.60 14.18
N ASN A 862 17.47 19.67 14.69
CA ASN A 862 18.55 20.00 15.63
C ASN A 862 19.90 19.71 14.98
N PHE A 863 20.81 20.69 15.03
CA PHE A 863 22.19 20.51 14.60
C PHE A 863 23.06 21.28 15.57
N ASN A 864 23.92 20.57 16.29
CA ASN A 864 24.67 21.12 17.44
C ASN A 864 23.62 21.57 18.47
N GLY A 865 23.79 22.73 19.09
CA GLY A 865 22.76 23.22 20.00
C GLY A 865 21.68 24.05 19.33
N ILE A 866 21.82 24.37 18.05
CA ILE A 866 20.89 25.26 17.37
C ILE A 866 19.63 24.48 16.99
N ARG A 867 18.48 25.16 17.04
CA ARG A 867 17.20 24.62 16.62
C ARG A 867 16.58 25.55 15.58
N ILE A 868 16.14 24.98 14.45
CA ILE A 868 15.44 25.72 13.41
C ILE A 868 14.27 24.86 12.95
N LYS A 869 13.06 25.39 13.09
CA LYS A 869 11.87 24.62 12.77
C LYS A 869 11.43 24.86 11.33
N THR A 870 10.55 23.99 10.86
CA THR A 870 9.93 24.12 9.55
C THR A 870 8.44 23.85 9.72
N ASP A 871 7.61 24.81 9.30
CA ASP A 871 6.16 24.68 9.45
C ASP A 871 5.63 24.01 8.19
N TYR A 872 5.54 22.68 8.24
CA TYR A 872 5.05 21.90 7.10
C TYR A 872 3.57 22.18 6.81
N HIS A 873 2.83 22.74 7.76
CA HIS A 873 1.46 23.15 7.49
C HIS A 873 1.41 24.40 6.63
N SER A 874 2.36 25.32 6.85
CA SER A 874 2.45 26.51 6.02
C SER A 874 3.00 26.18 4.64
N LEU A 875 3.94 25.23 4.56
CA LEU A 875 4.41 24.75 3.26
C LEU A 875 3.27 24.23 2.42
N LEU A 876 2.44 23.36 3.01
CA LEU A 876 1.28 22.83 2.29
C LEU A 876 0.29 23.94 1.97
N ASP A 877 0.15 24.93 2.85
CA ASP A 877 -0.77 26.03 2.58
C ASP A 877 -0.31 26.87 1.40
N LYS A 878 0.99 27.12 1.29
CA LYS A 878 1.50 27.89 0.16
C LYS A 878 1.40 27.10 -1.14
N LYS A 879 1.60 25.78 -1.07
CA LYS A 879 1.50 24.95 -2.26
C LYS A 879 0.05 24.66 -2.65
N GLU A 880 -0.90 24.73 -1.71
CA GLU A 880 -2.31 24.67 -2.08
C GLU A 880 -2.75 25.96 -2.77
N LYS A 881 -2.22 27.10 -2.30
CA LYS A 881 -2.45 28.36 -3.00
C LYS A 881 -1.83 28.33 -4.38
N GLU A 882 -0.60 27.81 -4.50
CA GLU A 882 0.01 27.62 -5.81
C GLU A 882 -0.80 26.68 -6.67
N ARG A 883 -1.52 25.74 -6.07
CA ARG A 883 -2.39 24.88 -6.88
C ARG A 883 -3.53 25.69 -7.47
N PHE A 884 -4.18 26.53 -6.65
CA PHE A 884 -5.29 27.37 -7.09
C PHE A 884 -4.87 28.25 -8.27
N GLU A 885 -3.89 29.13 -8.06
CA GLU A 885 -3.25 29.79 -9.19
C GLU A 885 -2.80 28.72 -10.18
N ALA A 886 -2.94 29.02 -11.47
CA ALA A 886 -2.72 28.05 -12.53
C ALA A 886 -3.67 26.84 -12.35
N ARG A 887 -4.98 27.15 -12.31
CA ARG A 887 -6.07 26.17 -12.21
C ARG A 887 -5.90 25.13 -11.12
N GLN A 888 -5.57 23.88 -11.45
CA GLN A 888 -5.15 22.85 -10.46
C GLN A 888 -4.15 22.00 -11.24
N ASN A 889 -2.95 22.57 -11.43
CA ASN A 889 -2.01 22.00 -12.39
C ASN A 889 -1.60 20.58 -12.00
N TRP A 890 -1.23 19.82 -13.03
CA TRP A 890 -0.86 18.42 -12.84
C TRP A 890 0.34 18.29 -11.95
N THR A 891 1.25 19.26 -12.02
CA THR A 891 2.50 19.22 -11.25
C THR A 891 2.26 19.61 -9.79
N SER A 892 1.50 20.68 -9.55
CA SER A 892 1.28 21.14 -8.18
C SER A 892 0.64 20.05 -7.33
N ILE A 893 -0.12 19.15 -7.94
CA ILE A 893 -0.65 18.02 -7.20
C ILE A 893 0.47 17.03 -6.87
N GLU A 894 1.42 16.85 -7.79
CA GLU A 894 2.57 16.01 -7.50
C GLU A 894 3.44 16.65 -6.41
N ASN A 895 3.73 17.94 -6.56
CA ASN A 895 4.53 18.63 -5.55
C ASN A 895 3.89 18.54 -4.17
N ILE A 896 2.55 18.54 -4.12
CA ILE A 896 1.86 18.37 -2.86
C ILE A 896 1.95 16.92 -2.39
N LYS A 897 1.93 15.98 -3.33
CA LYS A 897 2.01 14.57 -2.94
C LYS A 897 3.40 14.21 -2.44
N GLU A 898 4.45 14.75 -3.07
CA GLU A 898 5.81 14.44 -2.61
C GLU A 898 6.13 15.15 -1.30
N LEU A 899 5.69 16.40 -1.15
CA LEU A 899 5.99 17.13 0.08
C LEU A 899 5.37 16.45 1.30
N LYS A 900 4.18 15.89 1.15
CA LYS A 900 3.61 15.09 2.24
C LYS A 900 4.42 13.83 2.48
N ALA A 901 4.90 13.20 1.41
CA ALA A 901 5.67 11.97 1.57
C ALA A 901 6.98 12.23 2.29
N GLY A 902 7.59 13.39 2.05
CA GLY A 902 8.78 13.77 2.79
C GLY A 902 8.46 14.29 4.18
N TYR A 903 7.23 14.75 4.39
CA TYR A 903 6.82 15.17 5.72
C TYR A 903 6.79 13.99 6.69
N ILE A 904 6.16 12.89 6.27
CA ILE A 904 5.99 11.76 7.19
C ILE A 904 7.34 11.10 7.52
N SER A 905 8.33 11.22 6.62
CA SER A 905 9.66 10.74 6.95
C SER A 905 10.32 11.57 8.06
N GLN A 906 9.87 12.82 8.25
CA GLN A 906 10.29 13.60 9.40
C GLN A 906 9.54 13.18 10.66
N VAL A 907 8.24 12.88 10.52
CA VAL A 907 7.44 12.49 11.68
C VAL A 907 7.87 11.14 12.21
N VAL A 908 8.27 10.23 11.32
CA VAL A 908 8.68 8.88 11.75
C VAL A 908 9.69 8.98 12.88
N HIS A 909 10.69 9.86 12.72
CA HIS A 909 11.69 10.03 13.76
C HIS A 909 11.11 10.66 15.03
N LYS A 910 10.08 11.50 14.89
CA LYS A 910 9.49 12.12 16.06
C LYS A 910 8.74 11.12 16.91
N ILE A 911 8.17 10.09 16.28
CA ILE A 911 7.51 9.03 17.03
C ILE A 911 8.55 8.10 17.66
N CYS A 912 9.70 7.92 16.99
CA CYS A 912 10.75 7.07 17.55
C CYS A 912 11.25 7.62 18.87
N GLU A 913 11.50 8.93 18.94
CA GLU A 913 11.94 9.53 20.19
C GLU A 913 10.90 9.33 21.28
N LEU A 914 9.63 9.56 20.96
CA LEU A 914 8.58 9.45 21.97
C LEU A 914 8.45 8.02 22.48
N VAL A 915 8.58 7.03 21.60
CA VAL A 915 8.59 5.64 22.03
C VAL A 915 9.79 5.36 22.92
N GLU A 916 10.96 5.87 22.52
CA GLU A 916 12.17 5.70 23.33
C GLU A 916 12.07 6.46 24.65
N LYS A 917 11.41 7.62 24.63
CA LYS A 917 11.38 8.48 25.82
C LYS A 917 10.45 7.91 26.88
N TYR A 918 9.26 7.49 26.49
CA TYR A 918 8.24 7.05 27.43
C TYR A 918 8.09 5.54 27.50
N ASP A 919 8.98 4.79 26.84
CA ASP A 919 8.85 3.33 26.78
C ASP A 919 7.43 2.97 26.36
N ALA A 920 6.93 3.68 25.35
CA ALA A 920 5.50 3.88 25.16
C ALA A 920 4.98 3.14 23.94
N VAL A 921 3.75 2.63 24.06
CA VAL A 921 3.03 1.97 22.99
C VAL A 921 2.34 3.00 22.12
N ILE A 922 2.21 2.68 20.82
CA ILE A 922 1.63 3.59 19.82
C ILE A 922 0.18 3.22 19.57
N ALA A 923 -0.64 4.25 19.33
CA ALA A 923 -2.07 4.09 19.03
C ALA A 923 -2.36 4.78 17.70
N LEU A 924 -2.78 4.00 16.70
CA LEU A 924 -3.01 4.50 15.36
C LEU A 924 -4.44 4.19 14.93
N GLU A 925 -4.90 4.93 13.92
CA GLU A 925 -6.23 4.69 13.38
C GLU A 925 -6.25 3.46 12.48
N ASP A 926 -7.23 2.60 12.67
CA ASP A 926 -7.49 1.52 11.72
C ASP A 926 -8.14 2.11 10.49
N LEU A 927 -7.38 2.18 9.39
CA LEU A 927 -7.86 2.77 8.15
C LEU A 927 -8.69 1.80 7.31
N ASN A 928 -8.75 0.53 7.69
CA ASN A 928 -9.60 -0.43 7.00
C ASN A 928 -11.06 -0.33 7.41
N SER A 929 -11.33 0.20 8.61
CA SER A 929 -12.69 0.32 9.13
C SER A 929 -13.18 1.75 9.17
N GLY A 930 -12.35 2.69 9.61
CA GLY A 930 -12.79 4.07 9.76
C GLY A 930 -13.08 4.73 8.43
N PHE A 931 -13.80 5.84 8.50
CA PHE A 931 -14.17 6.64 7.34
C PHE A 931 -13.55 8.02 7.46
N LYS A 932 -12.89 8.46 6.41
CA LYS A 932 -12.10 9.69 6.44
C LYS A 932 -12.99 10.87 6.07
N ASN A 933 -12.93 11.92 6.89
CA ASN A 933 -13.83 13.06 6.72
C ASN A 933 -13.43 13.95 5.55
N SER A 934 -12.20 13.82 5.03
CA SER A 934 -11.62 14.65 3.99
C SER A 934 -11.46 16.11 4.40
N ARG A 935 -11.87 16.48 5.61
CA ARG A 935 -11.43 17.75 6.16
C ARG A 935 -9.96 17.66 6.59
N VAL A 936 -9.49 16.45 6.88
CA VAL A 936 -8.09 16.26 7.26
C VAL A 936 -7.20 16.59 6.07
N LYS A 937 -6.04 17.18 6.36
CA LYS A 937 -5.09 17.48 5.29
C LYS A 937 -4.44 16.21 4.76
N VAL A 938 -4.11 15.28 5.65
CA VAL A 938 -3.44 14.03 5.29
C VAL A 938 -4.51 13.04 4.85
N GLU A 939 -4.58 12.76 3.55
CA GLU A 939 -5.57 11.82 3.06
C GLU A 939 -5.15 10.38 3.40
N LYS A 940 -6.17 9.49 3.40
CA LYS A 940 -5.97 8.09 3.75
C LYS A 940 -4.75 7.49 3.08
N GLN A 941 -4.52 7.84 1.81
CA GLN A 941 -3.43 7.22 1.08
C GLN A 941 -2.08 7.61 1.64
N VAL A 942 -1.89 8.90 1.97
CA VAL A 942 -0.63 9.31 2.56
C VAL A 942 -0.47 8.72 3.96
N TYR A 943 -1.59 8.49 4.64
CA TYR A 943 -1.51 7.92 5.99
C TYR A 943 -1.22 6.42 5.95
N GLN A 944 -1.78 5.71 4.97
CA GLN A 944 -1.39 4.32 4.78
C GLN A 944 0.10 4.20 4.56
N LYS A 945 0.66 5.08 3.72
CA LYS A 945 2.09 5.08 3.49
C LYS A 945 2.86 5.37 4.78
N PHE A 946 2.33 6.27 5.61
CA PHE A 946 2.98 6.57 6.88
C PHE A 946 3.01 5.35 7.80
N GLU A 947 1.85 4.70 7.99
CA GLU A 947 1.78 3.56 8.89
C GLU A 947 2.65 2.40 8.40
N LYS A 948 2.89 2.31 7.09
CA LYS A 948 3.88 1.37 6.59
C LYS A 948 5.28 1.76 7.06
N MET A 949 5.68 2.99 6.76
CA MET A 949 7.00 3.47 7.17
C MET A 949 7.21 3.29 8.67
N LEU A 950 6.17 3.52 9.46
CA LEU A 950 6.27 3.29 10.90
C LEU A 950 6.58 1.83 11.18
N ILE A 951 5.86 0.92 10.54
CA ILE A 951 6.17 -0.51 10.68
C ILE A 951 7.60 -0.80 10.26
N ASP A 952 8.01 -0.29 9.10
CA ASP A 952 9.32 -0.64 8.56
C ASP A 952 10.44 -0.18 9.48
N LYS A 953 10.33 1.03 10.03
CA LYS A 953 11.38 1.56 10.90
C LYS A 953 11.46 0.79 12.22
N LEU A 954 10.33 0.28 12.71
CA LEU A 954 10.27 -0.38 13.99
C LEU A 954 10.74 -1.84 13.96
N ASN A 955 10.92 -2.43 12.78
CA ASN A 955 11.61 -3.71 12.69
C ASN A 955 13.04 -3.59 13.21
N TYR A 956 13.67 -2.43 13.01
CA TYR A 956 15.01 -2.15 13.54
C TYR A 956 15.07 -0.65 13.82
N MET A 957 14.56 -0.26 14.99
CA MET A 957 14.54 1.13 15.40
C MET A 957 15.88 1.52 16.01
N VAL A 958 16.48 2.59 15.50
CA VAL A 958 17.81 3.03 15.88
C VAL A 958 17.83 4.54 16.02
N ASP A 959 18.46 5.03 17.09
CA ASP A 959 18.78 6.44 17.26
C ASP A 959 20.22 6.63 16.82
N LYS A 960 20.42 7.41 15.75
CA LYS A 960 21.77 7.58 15.20
C LYS A 960 22.73 8.16 16.25
N LYS A 961 22.25 9.10 17.06
CA LYS A 961 23.11 9.78 18.01
C LYS A 961 23.43 8.95 19.24
N SER A 962 22.88 7.74 19.35
CA SER A 962 23.28 6.83 20.40
C SER A 962 24.57 6.11 20.01
N ASN A 963 25.33 5.70 21.03
CA ASN A 963 26.55 4.94 20.78
C ASN A 963 26.15 3.55 20.26
N PRO A 964 26.74 3.09 19.14
CA PRO A 964 26.23 1.89 18.46
C PRO A 964 26.09 0.65 19.33
N CYS A 965 26.96 0.45 20.32
CA CYS A 965 26.87 -0.75 21.14
C CYS A 965 25.73 -0.71 22.14
N ALA A 966 25.19 0.46 22.43
CA ALA A 966 24.06 0.58 23.34
C ALA A 966 22.81 -0.04 22.74
N THR A 967 21.87 -0.46 23.61
CA THR A 967 20.56 -0.93 23.18
C THR A 967 19.71 0.26 22.74
N GLY A 968 19.25 0.23 21.49
CA GLY A 968 18.75 1.40 20.81
C GLY A 968 19.70 1.96 19.77
N GLY A 969 21.00 1.69 19.91
CA GLY A 969 21.98 2.11 18.92
C GLY A 969 21.97 1.24 17.69
N ALA A 970 22.89 1.56 16.77
CA ALA A 970 22.87 0.95 15.45
C ALA A 970 23.31 -0.51 15.44
N LEU A 971 23.82 -1.03 16.56
CA LEU A 971 24.13 -2.45 16.67
C LEU A 971 23.13 -3.21 17.52
N LYS A 972 22.30 -2.52 18.30
CA LYS A 972 21.32 -3.13 19.18
C LYS A 972 19.95 -2.49 18.92
N GLY A 973 19.49 -2.56 17.66
CA GLY A 973 18.25 -1.93 17.30
C GLY A 973 17.05 -2.62 17.92
N TYR A 974 16.05 -1.83 18.27
CA TYR A 974 14.81 -2.37 18.81
C TYR A 974 14.01 -3.05 17.70
N GLN A 975 13.35 -4.16 18.06
CA GLN A 975 12.48 -4.88 17.13
C GLN A 975 11.10 -4.98 17.79
N ILE A 976 10.30 -3.93 17.62
CA ILE A 976 9.01 -3.82 18.29
C ILE A 976 7.86 -3.96 17.28
N THR A 977 8.10 -4.59 16.14
CA THR A 977 7.11 -4.64 15.07
C THR A 977 7.48 -5.73 14.08
N ASN A 978 6.49 -6.53 13.69
CA ASN A 978 6.72 -7.60 12.72
C ASN A 978 6.85 -7.02 11.31
N LYS A 979 7.48 -7.80 10.44
CA LYS A 979 7.69 -7.37 9.06
C LYS A 979 6.36 -7.05 8.38
N PHE A 980 6.35 -5.96 7.61
CA PHE A 980 5.12 -5.50 6.97
C PHE A 980 4.59 -6.55 6.00
N GLU A 981 3.27 -6.67 5.95
CA GLU A 981 2.60 -7.61 5.06
C GLU A 981 1.73 -6.90 4.03
N SER A 982 0.74 -6.13 4.47
CA SER A 982 -0.19 -5.47 3.55
C SER A 982 -0.90 -4.37 4.31
N PHE A 983 -1.50 -3.44 3.55
CA PHE A 983 -2.33 -2.41 4.17
C PHE A 983 -3.50 -3.04 4.91
N LYS A 984 -4.05 -4.13 4.38
CA LYS A 984 -5.17 -4.80 5.04
C LYS A 984 -4.72 -5.45 6.35
N SER A 985 -3.49 -5.94 6.39
CA SER A 985 -2.94 -6.49 7.63
C SER A 985 -2.52 -5.41 8.63
N MET A 986 -2.75 -4.13 8.34
CA MET A 986 -2.57 -3.07 9.33
C MET A 986 -3.86 -2.88 10.14
N SER A 987 -4.23 -3.96 10.82
CA SER A 987 -5.39 -3.99 11.70
C SER A 987 -4.99 -4.69 13.00
N THR A 988 -5.90 -4.64 13.98
CA THR A 988 -5.63 -5.11 15.34
C THR A 988 -4.30 -4.59 15.86
N GLN A 989 -3.29 -5.45 15.99
CA GLN A 989 -2.03 -5.07 16.61
C GLN A 989 -0.84 -5.64 15.84
N ASN A 990 0.19 -4.81 15.68
CA ASN A 990 1.51 -5.21 15.18
C ASN A 990 2.55 -4.76 16.21
N GLY A 991 2.71 -5.58 17.27
CA GLY A 991 3.71 -5.33 18.29
C GLY A 991 3.41 -4.14 19.18
N PHE A 992 4.24 -3.11 19.09
CA PHE A 992 4.03 -1.88 19.83
C PHE A 992 2.99 -0.97 19.18
N ILE A 993 2.45 -1.33 18.03
CA ILE A 993 1.48 -0.52 17.32
C ILE A 993 0.12 -1.20 17.39
N PHE A 994 -0.89 -0.45 17.82
CA PHE A 994 -2.28 -0.90 17.84
C PHE A 994 -3.13 -0.02 16.94
N TYR A 995 -3.97 -0.66 16.13
CA TYR A 995 -4.83 0.02 15.17
C TYR A 995 -6.26 0.06 15.71
N ILE A 996 -6.90 1.20 15.55
CA ILE A 996 -8.11 1.54 16.32
C ILE A 996 -9.12 2.19 15.40
N PRO A 997 -10.42 1.90 15.55
CA PRO A 997 -11.43 2.69 14.85
C PRO A 997 -11.49 4.11 15.40
N ALA A 998 -11.66 5.06 14.49
CA ALA A 998 -11.70 6.49 14.84
C ALA A 998 -13.08 6.96 15.25
N TRP A 999 -14.02 6.04 15.47
CA TRP A 999 -15.40 6.42 15.73
C TRP A 999 -15.55 7.02 17.11
N LEU A 1000 -16.19 8.20 17.19
CA LEU A 1000 -16.46 8.89 18.44
C LEU A 1000 -15.17 9.18 19.21
N THR A 1001 -14.17 9.69 18.50
CA THR A 1001 -12.92 10.10 19.11
C THR A 1001 -12.73 11.60 19.16
N SER A 1002 -13.43 12.35 18.31
CA SER A 1002 -13.36 13.81 18.27
C SER A 1002 -14.59 14.46 18.89
N LYS A 1003 -15.79 14.05 18.45
CA LYS A 1003 -17.04 14.64 18.92
C LYS A 1003 -17.51 13.97 20.22
N ILE A 1004 -16.70 14.13 21.26
CA ILE A 1004 -16.94 13.47 22.55
C ILE A 1004 -16.38 14.34 23.67
N ASP A 1005 -17.16 14.50 24.74
CA ASP A 1005 -16.71 15.24 25.91
C ASP A 1005 -15.66 14.42 26.64
N PRO A 1006 -14.38 14.82 26.66
CA PRO A 1006 -13.37 14.00 27.34
C PRO A 1006 -13.56 13.94 28.85
N SER A 1007 -14.25 14.93 29.44
CA SER A 1007 -14.45 15.02 30.88
C SER A 1007 -15.66 14.25 31.38
N THR A 1008 -16.50 13.74 30.47
CA THR A 1008 -17.66 12.92 30.86
C THR A 1008 -17.91 11.70 29.98
N GLY A 1009 -17.25 11.56 28.84
CA GLY A 1009 -17.65 10.52 27.91
C GLY A 1009 -18.94 10.78 27.18
N PHE A 1010 -19.53 11.98 27.31
CA PHE A 1010 -20.82 12.25 26.69
C PHE A 1010 -20.68 12.40 25.18
N VAL A 1011 -21.67 11.89 24.45
CA VAL A 1011 -21.72 12.01 23.01
C VAL A 1011 -23.15 12.36 22.60
N ASN A 1012 -23.29 13.02 21.47
CA ASN A 1012 -24.60 13.33 20.90
C ASN A 1012 -25.06 12.14 20.08
N LEU A 1013 -26.06 11.41 20.58
CA LEU A 1013 -26.67 10.32 19.85
C LEU A 1013 -28.03 10.69 19.30
N LEU A 1014 -28.41 11.95 19.41
CA LEU A 1014 -29.72 12.43 18.98
C LEU A 1014 -29.69 12.84 17.52
N LYS A 1015 -30.82 12.60 16.84
CA LYS A 1015 -31.05 13.06 15.48
C LYS A 1015 -31.95 14.28 15.56
N THR A 1016 -31.34 15.46 15.41
CA THR A 1016 -32.05 16.73 15.53
C THR A 1016 -32.44 17.33 14.18
N LYS A 1017 -32.28 16.57 13.10
CA LYS A 1017 -32.74 17.04 11.80
C LYS A 1017 -34.26 17.17 11.80
N TYR A 1018 -34.76 18.30 11.28
CA TYR A 1018 -36.19 18.54 11.23
C TYR A 1018 -36.78 17.86 10.00
N THR A 1019 -37.79 17.01 10.24
CA THR A 1019 -38.61 16.42 9.20
C THR A 1019 -40.04 16.93 9.23
N SER A 1020 -40.70 16.89 10.39
CA SER A 1020 -42.11 17.21 10.47
C SER A 1020 -42.44 17.91 11.79
N ILE A 1021 -43.61 18.55 11.81
CA ILE A 1021 -44.16 19.05 13.07
C ILE A 1021 -44.44 17.91 14.02
N ALA A 1022 -45.02 16.82 13.50
CA ALA A 1022 -45.32 15.66 14.34
C ALA A 1022 -44.04 14.97 14.80
N ASP A 1023 -43.02 14.91 13.94
CA ASP A 1023 -41.74 14.34 14.35
C ASP A 1023 -41.05 15.19 15.41
N SER A 1024 -41.27 16.51 15.37
CA SER A 1024 -40.67 17.39 16.37
C SER A 1024 -41.39 17.29 17.71
N LYS A 1025 -42.70 17.00 17.68
CA LYS A 1025 -43.46 16.89 18.93
C LYS A 1025 -43.07 15.65 19.71
N LYS A 1026 -42.89 14.51 19.02
CA LYS A 1026 -42.43 13.31 19.72
C LYS A 1026 -41.00 13.46 20.21
N PHE A 1027 -40.20 14.32 19.56
CA PHE A 1027 -38.84 14.58 20.02
C PHE A 1027 -38.86 15.36 21.34
N ILE A 1028 -39.70 16.39 21.42
CA ILE A 1028 -39.79 17.20 22.64
C ILE A 1028 -40.37 16.37 23.78
N SER A 1029 -41.34 15.51 23.47
CA SER A 1029 -42.00 14.72 24.51
C SER A 1029 -41.09 13.62 25.04
N SER A 1030 -40.14 13.15 24.22
CA SER A 1030 -39.26 12.07 24.64
C SER A 1030 -38.28 12.50 25.73
N PHE A 1031 -38.11 13.80 25.96
CA PHE A 1031 -37.33 14.25 27.11
C PHE A 1031 -38.11 14.04 28.39
N ASP A 1032 -37.36 13.84 29.49
CA ASP A 1032 -38.01 13.72 30.79
C ASP A 1032 -38.43 15.08 31.34
N ARG A 1033 -37.69 16.14 31.03
CA ARG A 1033 -38.02 17.47 31.49
C ARG A 1033 -37.27 18.50 30.65
N ILE A 1034 -37.94 19.62 30.37
CA ILE A 1034 -37.32 20.81 29.80
C ILE A 1034 -37.79 22.00 30.62
N MET A 1035 -36.86 22.68 31.27
CA MET A 1035 -37.21 23.78 32.16
C MET A 1035 -36.15 24.87 32.09
N TYR A 1036 -36.52 26.05 32.58
CA TYR A 1036 -35.59 27.15 32.76
C TYR A 1036 -35.06 27.13 34.19
N VAL A 1037 -33.75 27.35 34.32
CA VAL A 1037 -33.10 27.34 35.63
C VAL A 1037 -32.72 28.78 35.98
N PRO A 1038 -33.53 29.48 36.77
CA PRO A 1038 -33.23 30.89 37.05
C PRO A 1038 -31.91 31.11 37.78
N GLU A 1039 -31.61 30.28 38.78
CA GLU A 1039 -30.40 30.46 39.59
C GLU A 1039 -29.12 30.22 38.81
N GLU A 1040 -29.21 29.74 37.57
CA GLU A 1040 -28.03 29.58 36.72
C GLU A 1040 -28.17 30.25 35.37
N ASP A 1041 -29.33 30.80 35.04
CA ASP A 1041 -29.60 31.40 33.73
C ASP A 1041 -29.26 30.40 32.60
N LEU A 1042 -29.81 29.20 32.73
CA LEU A 1042 -29.58 28.13 31.76
C LEU A 1042 -30.88 27.37 31.54
N PHE A 1043 -31.00 26.76 30.37
CA PHE A 1043 -32.08 25.83 30.07
C PHE A 1043 -31.56 24.41 30.23
N GLU A 1044 -32.28 23.60 31.01
CA GLU A 1044 -31.87 22.24 31.33
C GLU A 1044 -32.80 21.24 30.62
N PHE A 1045 -32.20 20.31 29.88
CA PHE A 1045 -32.93 19.29 29.13
C PHE A 1045 -32.55 17.93 29.70
N ALA A 1046 -33.34 17.44 30.66
CA ALA A 1046 -33.11 16.11 31.19
C ALA A 1046 -33.63 15.07 30.19
N LEU A 1047 -32.82 14.05 29.93
CA LEU A 1047 -33.23 12.99 29.03
C LEU A 1047 -32.67 11.65 29.50
N ASP A 1048 -33.42 10.61 29.23
CA ASP A 1048 -32.93 9.24 29.28
C ASP A 1048 -32.78 8.77 27.83
N TYR A 1049 -31.56 8.41 27.44
CA TYR A 1049 -31.34 7.95 26.07
C TYR A 1049 -32.20 6.76 25.71
N LYS A 1050 -32.77 6.05 26.69
CA LYS A 1050 -33.62 4.91 26.37
C LYS A 1050 -34.92 5.32 25.69
N ASN A 1051 -35.32 6.59 25.79
CA ASN A 1051 -36.52 7.10 25.14
C ASN A 1051 -36.24 7.68 23.75
N PHE A 1052 -35.05 7.41 23.20
CA PHE A 1052 -34.73 7.79 21.83
C PHE A 1052 -34.16 6.59 21.10
N SER A 1053 -34.19 6.67 19.77
CA SER A 1053 -33.78 5.57 18.93
C SER A 1053 -32.31 5.70 18.56
N ARG A 1054 -31.69 4.55 18.28
CA ARG A 1054 -30.26 4.45 17.97
C ARG A 1054 -29.41 4.98 19.12
N THR A 1055 -29.74 4.59 20.35
CA THR A 1055 -29.04 5.05 21.54
C THR A 1055 -28.48 3.89 22.36
N ASP A 1056 -28.34 2.71 21.77
CA ASP A 1056 -27.96 1.52 22.52
C ASP A 1056 -26.54 1.60 23.05
N ALA A 1057 -25.66 2.36 22.38
CA ALA A 1057 -24.24 2.37 22.71
C ALA A 1057 -23.95 3.11 24.02
N ASP A 1058 -24.74 4.13 24.34
CA ASP A 1058 -24.50 4.89 25.57
C ASP A 1058 -24.65 3.99 26.79
N TYR A 1059 -23.89 4.31 27.83
CA TYR A 1059 -23.84 3.47 29.03
C TYR A 1059 -24.48 4.13 30.24
N ILE A 1060 -24.31 5.44 30.40
CA ILE A 1060 -24.91 6.16 31.53
C ILE A 1060 -26.40 6.40 31.29
N LYS A 1061 -26.79 6.57 30.03
CA LYS A 1061 -28.18 6.72 29.61
C LYS A 1061 -28.78 8.06 30.02
N LYS A 1062 -28.79 8.36 31.32
CA LYS A 1062 -29.44 9.56 31.83
C LYS A 1062 -28.46 10.72 31.86
N TRP A 1063 -28.80 11.80 31.15
CA TRP A 1063 -27.98 12.99 31.09
C TRP A 1063 -28.87 14.21 31.25
N LYS A 1064 -28.28 15.31 31.72
CA LYS A 1064 -28.96 16.60 31.76
C LYS A 1064 -28.17 17.59 30.93
N LEU A 1065 -28.73 17.96 29.77
CA LEU A 1065 -28.11 18.96 28.92
C LEU A 1065 -28.37 20.36 29.46
N TYR A 1066 -27.49 21.29 29.08
CA TYR A 1066 -27.63 22.69 29.46
C TYR A 1066 -27.26 23.56 28.27
N SER A 1067 -28.01 24.65 28.08
CA SER A 1067 -27.70 25.64 27.05
C SER A 1067 -26.63 26.60 27.58
N TYR A 1068 -25.42 26.07 27.71
CA TYR A 1068 -24.30 26.78 28.29
C TYR A 1068 -23.35 27.27 27.20
N GLY A 1069 -22.93 28.53 27.31
CA GLY A 1069 -21.93 29.07 26.41
C GLY A 1069 -22.46 29.34 25.00
N ASN A 1070 -21.52 29.59 24.09
CA ASN A 1070 -21.82 29.94 22.72
C ASN A 1070 -21.57 28.77 21.78
N ARG A 1071 -22.11 28.89 20.57
CA ARG A 1071 -21.88 27.94 19.49
C ARG A 1071 -21.59 28.71 18.22
N ILE A 1072 -21.15 27.99 17.18
CA ILE A 1072 -20.85 28.59 15.88
C ILE A 1072 -21.71 27.88 14.84
N ARG A 1073 -22.70 28.59 14.33
CA ARG A 1073 -23.59 28.10 13.28
C ARG A 1073 -22.95 28.33 11.92
N ILE A 1074 -23.12 27.35 11.01
CA ILE A 1074 -22.55 27.43 9.68
C ILE A 1074 -23.65 27.21 8.63
N ASP A 1085 -22.96 32.03 5.81
CA ASP A 1085 -21.64 31.63 6.28
C ASP A 1085 -21.69 31.21 7.73
N TRP A 1086 -21.08 31.99 8.63
CA TRP A 1086 -21.02 31.64 10.04
C TRP A 1086 -21.48 32.81 10.90
N GLU A 1087 -22.04 32.46 12.06
CA GLU A 1087 -22.42 33.43 13.09
C GLU A 1087 -22.21 32.79 14.45
N GLU A 1088 -22.00 33.63 15.46
CA GLU A 1088 -21.92 33.18 16.84
C GLU A 1088 -23.31 33.25 17.47
N VAL A 1089 -23.69 32.17 18.15
CA VAL A 1089 -25.02 32.04 18.74
C VAL A 1089 -24.86 31.77 20.23
N CYS A 1090 -25.39 32.67 21.05
CA CYS A 1090 -25.48 32.43 22.48
C CYS A 1090 -26.72 31.58 22.75
N LEU A 1091 -26.52 30.39 23.32
CA LEU A 1091 -27.60 29.41 23.37
C LEU A 1091 -28.75 29.86 24.26
N THR A 1092 -28.44 30.36 25.46
CA THR A 1092 -29.49 30.71 26.40
C THR A 1092 -30.39 31.82 25.86
N SER A 1093 -29.78 32.89 25.35
CA SER A 1093 -30.58 34.01 24.84
C SER A 1093 -31.29 33.64 23.55
N ALA A 1094 -30.72 32.74 22.75
CA ALA A 1094 -31.38 32.32 21.52
C ALA A 1094 -32.64 31.50 21.82
N TYR A 1095 -32.60 30.68 22.87
CA TYR A 1095 -33.80 29.98 23.31
C TYR A 1095 -34.86 30.96 23.81
N LYS A 1096 -34.45 31.94 24.61
CA LYS A 1096 -35.37 32.96 25.07
C LYS A 1096 -35.94 33.75 23.90
N GLU A 1097 -35.11 34.03 22.90
CA GLU A 1097 -35.58 34.75 21.72
C GLU A 1097 -36.63 33.93 20.96
N LEU A 1098 -36.37 32.64 20.77
CA LEU A 1098 -37.32 31.79 20.06
C LEU A 1098 -38.62 31.65 20.82
N PHE A 1099 -38.55 31.49 22.15
CA PHE A 1099 -39.77 31.27 22.92
C PHE A 1099 -40.60 32.55 23.01
N ASN A 1100 -39.92 33.70 23.09
CA ASN A 1100 -40.63 34.98 23.14
C ASN A 1100 -41.34 35.27 21.82
N LYS A 1101 -40.73 34.88 20.70
CA LYS A 1101 -41.34 35.07 19.39
C LYS A 1101 -42.68 34.36 19.28
N TYR A 1102 -42.92 33.32 20.08
CA TYR A 1102 -44.14 32.53 20.00
C TYR A 1102 -44.95 32.54 21.28
N GLY A 1103 -44.65 33.46 22.21
CA GLY A 1103 -45.46 33.60 23.40
C GLY A 1103 -45.38 32.45 24.39
N ILE A 1104 -44.30 31.69 24.38
CA ILE A 1104 -44.11 30.62 25.35
C ILE A 1104 -43.58 31.20 26.65
N ASN A 1105 -44.16 30.79 27.77
CA ASN A 1105 -43.68 31.18 29.09
C ASN A 1105 -42.70 30.11 29.55
N TYR A 1106 -41.41 30.37 29.39
CA TYR A 1106 -40.39 29.37 29.69
C TYR A 1106 -40.00 29.33 31.16
N GLN A 1107 -40.44 30.30 31.95
CA GLN A 1107 -40.15 30.28 33.39
C GLN A 1107 -41.11 29.39 34.15
N GLN A 1108 -42.22 28.97 33.54
CA GLN A 1108 -43.27 28.21 34.23
C GLN A 1108 -42.88 26.74 34.28
N GLY A 1109 -41.91 26.44 35.15
CA GLY A 1109 -41.52 25.07 35.45
C GLY A 1109 -41.22 24.21 34.24
N ASP A 1110 -41.92 23.07 34.14
CA ASP A 1110 -41.79 22.21 32.97
C ASP A 1110 -42.49 22.85 31.78
N ILE A 1111 -41.77 23.00 30.68
CA ILE A 1111 -42.29 23.73 29.53
C ILE A 1111 -42.77 22.78 28.43
N ARG A 1112 -42.33 21.52 28.45
CA ARG A 1112 -42.59 20.49 27.43
C ARG A 1112 -44.01 20.55 26.85
N ALA A 1113 -45.02 20.74 27.70
CA ALA A 1113 -46.38 20.88 27.20
C ALA A 1113 -46.54 22.14 26.35
N LEU A 1114 -45.87 23.24 26.75
CA LEU A 1114 -46.04 24.50 26.05
C LEU A 1114 -45.48 24.43 24.63
N LEU A 1115 -44.30 23.81 24.46
CA LEU A 1115 -43.70 23.74 23.13
C LEU A 1115 -44.57 22.92 22.20
N CYS A 1116 -45.04 21.75 22.66
CA CYS A 1116 -45.86 20.89 21.82
C CYS A 1116 -47.21 21.51 21.54
N GLU A 1117 -47.69 22.40 22.42
CA GLU A 1117 -48.93 23.11 22.15
C GLU A 1117 -48.81 24.02 20.93
N GLN A 1118 -47.62 24.57 20.70
CA GLN A 1118 -47.42 25.47 19.57
C GLN A 1118 -47.68 24.76 18.26
N SER A 1119 -48.37 25.45 17.34
CA SER A 1119 -48.82 24.86 16.09
C SER A 1119 -48.09 25.41 14.87
N ASP A 1120 -47.03 26.20 15.06
CA ASP A 1120 -46.32 26.81 13.95
C ASP A 1120 -45.10 25.96 13.61
N LYS A 1121 -44.89 25.71 12.32
CA LYS A 1121 -43.77 24.87 11.89
C LYS A 1121 -42.45 25.62 11.96
N ALA A 1122 -42.46 26.95 11.78
CA ALA A 1122 -41.22 27.72 11.89
C ALA A 1122 -40.68 27.74 13.32
N PHE A 1123 -41.53 27.45 14.31
CA PHE A 1123 -41.05 27.28 15.67
C PHE A 1123 -40.23 26.01 15.82
N TYR A 1124 -40.78 24.88 15.37
CA TYR A 1124 -40.09 23.61 15.56
C TYR A 1124 -38.80 23.54 14.74
N SER A 1125 -38.70 24.28 13.64
CA SER A 1125 -37.47 24.28 12.86
C SER A 1125 -36.37 25.09 13.54
N SER A 1126 -36.72 26.24 14.12
CA SER A 1126 -35.78 26.97 14.95
C SER A 1126 -35.46 26.23 16.24
N PHE A 1127 -36.42 25.45 16.75
CA PHE A 1127 -36.20 24.67 17.97
C PHE A 1127 -35.23 23.53 17.73
N MET A 1128 -35.48 22.73 16.67
CA MET A 1128 -34.56 21.64 16.33
C MET A 1128 -33.19 22.16 15.95
N ALA A 1129 -33.12 23.34 15.31
CA ALA A 1129 -31.82 23.91 14.95
C ALA A 1129 -31.06 24.38 16.18
N LEU A 1130 -31.77 24.89 17.18
CA LEU A 1130 -31.12 25.29 18.42
C LEU A 1130 -30.64 24.07 19.21
N MET A 1131 -31.37 22.96 19.11
CA MET A 1131 -30.91 21.72 19.73
C MET A 1131 -29.70 21.17 19.00
N SER A 1132 -29.66 21.34 17.68
CA SER A 1132 -28.48 20.96 16.90
C SER A 1132 -27.25 21.72 17.36
N LEU A 1133 -27.39 23.03 17.57
CA LEU A 1133 -26.25 23.84 18.01
C LEU A 1133 -25.81 23.46 19.41
N MET A 1134 -26.76 23.19 20.30
CA MET A 1134 -26.43 22.84 21.68
C MET A 1134 -25.64 21.53 21.74
N LEU A 1135 -26.03 20.55 20.93
CA LEU A 1135 -25.34 19.27 20.88
C LEU A 1135 -24.16 19.26 19.92
N GLN A 1136 -23.83 20.41 19.35
CA GLN A 1136 -22.66 20.54 18.47
C GLN A 1136 -21.48 20.93 19.36
N MET A 1137 -20.78 19.91 19.85
CA MET A 1137 -19.69 20.15 20.78
C MET A 1137 -18.44 20.70 20.09
N ARG A 1138 -18.29 20.45 18.80
CA ARG A 1138 -17.14 20.89 18.04
C ARG A 1138 -17.53 22.13 17.24
N ASN A 1139 -16.78 23.21 17.40
CA ASN A 1139 -17.13 24.48 16.78
C ASN A 1139 -15.89 25.09 16.14
N SER A 1140 -16.01 25.43 14.85
CA SER A 1140 -14.86 25.89 14.09
C SER A 1140 -15.29 26.96 13.09
N ILE A 1141 -14.31 27.76 12.68
CA ILE A 1141 -14.44 28.69 11.56
C ILE A 1141 -13.35 28.34 10.56
N THR A 1142 -13.75 27.87 9.38
CA THR A 1142 -12.77 27.52 8.35
C THR A 1142 -12.01 28.77 7.93
N GLY A 1143 -10.67 28.66 7.90
CA GLY A 1143 -9.82 29.80 7.66
C GLY A 1143 -9.45 30.57 8.90
N ARG A 1144 -9.94 30.16 10.07
CA ARG A 1144 -9.63 30.78 11.36
C ARG A 1144 -9.04 29.71 12.25
N THR A 1145 -7.72 29.50 12.16
CA THR A 1145 -7.06 28.48 12.95
C THR A 1145 -7.14 28.77 14.46
N ASP A 1146 -7.59 29.97 14.84
CA ASP A 1146 -7.74 30.28 16.26
C ASP A 1146 -8.97 29.61 16.85
N VAL A 1147 -9.99 29.36 16.04
CA VAL A 1147 -11.30 28.92 16.52
C VAL A 1147 -11.48 27.47 16.10
N ASP A 1148 -11.23 26.57 17.05
CA ASP A 1148 -11.47 25.14 16.90
C ASP A 1148 -11.89 24.55 18.25
N PHE A 1149 -12.73 25.28 18.98
CA PHE A 1149 -12.98 24.96 20.38
C PHE A 1149 -14.01 23.86 20.53
N LEU A 1150 -13.86 23.09 21.61
CA LEU A 1150 -14.77 22.01 21.95
C LEU A 1150 -15.42 22.35 23.29
N ILE A 1151 -16.75 22.31 23.34
CA ILE A 1151 -17.50 22.67 24.54
C ILE A 1151 -18.60 21.65 24.76
N SER A 1152 -18.85 21.31 26.04
CA SER A 1152 -19.78 20.26 26.41
C SER A 1152 -21.08 20.88 26.93
N PRO A 1153 -22.24 20.33 26.59
CA PRO A 1153 -23.48 20.84 27.17
C PRO A 1153 -23.86 20.08 28.43
N VAL A 1154 -22.88 19.41 29.03
CA VAL A 1154 -23.09 18.52 30.16
C VAL A 1154 -22.03 18.82 31.21
N LYS A 1155 -22.45 18.84 32.48
CA LYS A 1155 -21.56 19.03 33.61
C LYS A 1155 -20.87 17.72 34.00
N ASN A 1156 -19.75 17.85 34.70
CA ASN A 1156 -18.97 16.72 35.14
C ASN A 1156 -19.29 16.41 36.61
N SER A 1157 -18.36 15.74 37.30
CA SER A 1157 -18.58 15.40 38.71
C SER A 1157 -18.73 16.65 39.58
N ASP A 1158 -17.91 17.67 39.32
CA ASP A 1158 -17.93 18.90 40.11
C ASP A 1158 -18.70 20.02 39.43
N GLY A 1159 -19.72 19.69 38.64
CA GLY A 1159 -20.59 20.70 38.08
C GLY A 1159 -19.92 21.69 37.16
N ILE A 1160 -18.82 21.29 36.52
CA ILE A 1160 -18.13 22.15 35.57
C ILE A 1160 -18.45 21.67 34.15
N PHE A 1161 -18.57 22.61 33.22
CA PHE A 1161 -18.72 22.27 31.81
C PHE A 1161 -17.34 22.21 31.17
N TYR A 1162 -17.10 21.17 30.38
CA TYR A 1162 -15.82 21.07 29.69
C TYR A 1162 -15.76 22.11 28.58
N ASP A 1163 -14.76 22.97 28.61
CA ASP A 1163 -14.53 23.96 27.57
C ASP A 1163 -13.06 23.90 27.20
N SER A 1164 -12.78 23.51 25.95
CA SER A 1164 -11.39 23.26 25.56
C SER A 1164 -10.54 24.52 25.55
N ARG A 1165 -11.18 25.69 25.48
CA ARG A 1165 -10.44 26.95 25.56
C ARG A 1165 -9.89 27.22 26.96
N ASN A 1166 -10.43 26.55 27.98
CA ASN A 1166 -9.87 26.67 29.31
C ASN A 1166 -8.52 25.97 29.42
N TYR A 1167 -8.24 25.03 28.52
CA TYR A 1167 -7.00 24.26 28.54
C TYR A 1167 -6.02 24.67 27.46
N GLU A 1168 -6.51 25.23 26.34
CA GLU A 1168 -5.62 25.73 25.29
C GLU A 1168 -4.77 26.89 25.79
N ALA A 1169 -5.26 27.62 26.80
CA ALA A 1169 -4.49 28.71 27.37
C ALA A 1169 -3.29 28.17 28.15
N GLN A 1170 -3.48 27.09 28.90
CA GLN A 1170 -2.44 26.53 29.74
C GLN A 1170 -1.29 25.98 28.89
N GLU A 1171 -0.10 25.92 29.51
CA GLU A 1171 1.05 25.33 28.84
C GLU A 1171 1.03 23.81 28.95
N ASN A 1172 0.81 23.29 30.15
CA ASN A 1172 0.60 21.86 30.38
C ASN A 1172 -0.84 21.67 30.82
N ALA A 1173 -1.65 21.08 29.95
CA ALA A 1173 -3.06 20.87 30.24
C ALA A 1173 -3.31 19.39 30.55
N ILE A 1174 -4.28 19.14 31.42
CA ILE A 1174 -4.61 17.77 31.78
C ILE A 1174 -5.64 17.19 30.80
N LEU A 1175 -6.42 18.05 30.14
CA LEU A 1175 -7.42 17.65 29.17
C LEU A 1175 -7.04 18.22 27.81
N PRO A 1176 -7.61 17.69 26.73
CA PRO A 1176 -7.25 18.17 25.38
C PRO A 1176 -7.40 19.67 25.23
N LYS A 1177 -6.50 20.26 24.45
CA LYS A 1177 -6.50 21.70 24.23
C LYS A 1177 -7.39 22.13 23.07
N ASN A 1178 -7.84 21.21 22.23
CA ASN A 1178 -8.71 21.54 21.10
C ASN A 1178 -9.31 20.25 20.56
N ALA A 1179 -10.11 20.38 19.50
CA ALA A 1179 -10.76 19.21 18.91
C ALA A 1179 -9.73 18.22 18.37
N ASP A 1180 -8.65 18.74 17.77
CA ASP A 1180 -7.64 17.86 17.18
C ASP A 1180 -6.86 17.10 18.25
N ALA A 1181 -6.64 17.70 19.43
CA ALA A 1181 -5.99 16.98 20.52
C ALA A 1181 -6.94 15.94 21.12
N ASN A 1182 -8.24 16.23 21.15
CA ASN A 1182 -9.21 15.29 21.70
C ASN A 1182 -9.14 13.94 21.01
N GLY A 1183 -9.06 13.95 19.68
CA GLY A 1183 -8.99 12.70 18.93
C GLY A 1183 -7.75 11.89 19.28
N ALA A 1184 -6.59 12.54 19.25
CA ALA A 1184 -5.34 11.88 19.62
C ALA A 1184 -5.36 11.46 21.09
N TYR A 1185 -6.02 12.24 21.95
CA TYR A 1185 -6.23 11.84 23.33
C TYR A 1185 -7.09 10.59 23.42
N ASN A 1186 -8.17 10.53 22.64
CA ASN A 1186 -9.13 9.46 22.75
C ASN A 1186 -8.72 8.22 21.95
N ILE A 1187 -7.92 8.39 20.91
CA ILE A 1187 -7.35 7.23 20.23
C ILE A 1187 -6.44 6.46 21.19
N ALA A 1188 -5.70 7.19 22.04
CA ALA A 1188 -4.82 6.55 23.00
C ALA A 1188 -5.59 5.89 24.14
N ARG A 1189 -6.77 6.41 24.48
CA ARG A 1189 -7.51 5.83 25.59
C ARG A 1189 -8.13 4.49 25.21
N LYS A 1190 -8.41 4.27 23.93
CA LYS A 1190 -8.93 2.97 23.51
C LYS A 1190 -7.86 1.88 23.62
N VAL A 1191 -6.59 2.27 23.51
CA VAL A 1191 -5.51 1.35 23.83
C VAL A 1191 -5.51 1.03 25.33
N LEU A 1192 -5.69 2.06 26.17
CA LEU A 1192 -5.75 1.83 27.62
C LEU A 1192 -6.86 0.84 27.97
N TRP A 1193 -8.01 0.95 27.29
CA TRP A 1193 -9.05 -0.06 27.43
C TRP A 1193 -8.52 -1.44 27.06
N ALA A 1194 -7.78 -1.52 25.95
CA ALA A 1194 -7.24 -2.80 25.50
C ALA A 1194 -6.21 -3.33 26.50
N ILE A 1195 -5.43 -2.44 27.10
CA ILE A 1195 -4.53 -2.85 28.18
C ILE A 1195 -5.35 -3.32 29.38
N GLY A 1196 -6.49 -2.67 29.63
CA GLY A 1196 -7.35 -3.10 30.72
C GLY A 1196 -7.85 -4.52 30.53
N GLN A 1197 -8.17 -4.89 29.29
CA GLN A 1197 -8.58 -6.26 29.02
C GLN A 1197 -7.43 -7.24 29.23
N PHE A 1198 -6.20 -6.83 28.94
CA PHE A 1198 -5.03 -7.67 29.24
C PHE A 1198 -4.95 -7.99 30.72
N LYS A 1199 -5.06 -6.97 31.57
CA LYS A 1199 -5.01 -7.17 33.02
C LYS A 1199 -6.18 -8.00 33.54
N LYS A 1200 -7.15 -8.34 32.68
CA LYS A 1200 -8.23 -9.24 33.05
C LYS A 1200 -7.93 -10.70 32.76
N ALA A 1201 -7.00 -10.99 31.84
CA ALA A 1201 -6.80 -12.34 31.35
C ALA A 1201 -5.63 -13.01 32.07
N GLU A 1202 -5.42 -14.28 31.75
CA GLU A 1202 -4.28 -15.04 32.26
C GLU A 1202 -3.11 -14.94 31.29
N ASP A 1203 -1.89 -15.07 31.84
CA ASP A 1203 -0.69 -14.95 31.02
C ASP A 1203 -0.74 -15.86 29.79
N GLU A 1204 -1.36 -17.03 29.91
CA GLU A 1204 -1.39 -17.99 28.82
C GLU A 1204 -2.43 -17.64 27.76
N LYS A 1205 -3.46 -16.89 28.13
CA LYS A 1205 -4.56 -16.58 27.23
C LYS A 1205 -4.53 -15.15 26.72
N LEU A 1206 -3.44 -14.43 26.98
CA LEU A 1206 -3.27 -13.10 26.41
C LEU A 1206 -3.32 -13.12 24.89
N ASP A 1207 -2.91 -14.24 24.28
CA ASP A 1207 -3.06 -14.42 22.85
C ASP A 1207 -4.52 -14.42 22.43
N LYS A 1208 -5.42 -14.89 23.31
CA LYS A 1208 -6.83 -15.00 22.97
C LYS A 1208 -7.58 -13.68 23.08
N VAL A 1209 -7.05 -12.74 23.87
CA VAL A 1209 -7.76 -11.49 24.12
C VAL A 1209 -7.98 -10.73 22.82
N LYS A 1210 -9.23 -10.32 22.60
CA LYS A 1210 -9.61 -9.60 21.40
C LYS A 1210 -9.45 -8.11 21.63
N ILE A 1211 -8.68 -7.46 20.75
CA ILE A 1211 -8.33 -6.05 20.94
C ILE A 1211 -9.43 -5.13 20.46
N ALA A 1212 -10.03 -5.45 19.31
CA ALA A 1212 -10.96 -4.54 18.65
C ALA A 1212 -12.06 -4.09 19.60
N ILE A 1213 -12.17 -2.79 19.78
CA ILE A 1213 -13.15 -2.22 20.71
C ILE A 1213 -14.41 -1.85 19.94
N SER A 1214 -15.56 -2.12 20.54
CA SER A 1214 -16.83 -1.73 19.95
C SER A 1214 -17.28 -0.40 20.52
N ASN A 1215 -18.18 0.26 19.79
CA ASN A 1215 -18.66 1.57 20.23
C ASN A 1215 -19.33 1.50 21.60
N LYS A 1216 -19.93 0.36 21.94
CA LYS A 1216 -20.59 0.22 23.23
C LYS A 1216 -19.59 -0.04 24.35
N GLU A 1217 -18.51 -0.77 24.07
CA GLU A 1217 -17.42 -0.90 25.03
C GLU A 1217 -16.71 0.43 25.24
N TRP A 1218 -16.56 1.20 24.16
CA TRP A 1218 -15.87 2.49 24.24
C TRP A 1218 -16.66 3.49 25.08
N LEU A 1219 -17.94 3.63 24.79
CA LEU A 1219 -18.77 4.57 25.56
C LEU A 1219 -18.91 4.14 27.00
N GLU A 1220 -18.86 2.84 27.29
CA GLU A 1220 -18.80 2.42 28.68
C GLU A 1220 -17.48 2.83 29.31
N TYR A 1221 -16.37 2.63 28.61
CA TYR A 1221 -15.09 2.99 29.21
C TYR A 1221 -14.94 4.51 29.34
N ALA A 1222 -15.34 5.26 28.32
CA ALA A 1222 -15.16 6.71 28.36
C ALA A 1222 -16.01 7.36 29.44
N GLN A 1223 -17.14 6.75 29.79
CA GLN A 1223 -18.06 7.36 30.74
C GLN A 1223 -17.87 6.89 32.16
N THR A 1224 -17.11 5.80 32.38
CA THR A 1224 -16.81 5.32 33.72
C THR A 1224 -15.39 5.63 34.18
N SER A 1225 -14.42 5.60 33.26
CA SER A 1225 -13.03 5.82 33.63
C SER A 1225 -12.78 7.25 34.09
N VAL A 1226 -13.63 8.20 33.71
CA VAL A 1226 -13.36 9.60 34.01
C VAL A 1226 -13.47 9.86 35.51
N LYS A 1227 -14.37 9.15 36.19
CA LYS A 1227 -14.69 9.42 37.60
C LYS A 1227 -15.22 10.85 37.76
MG MG E . 23.98 14.51 7.33
#